data_4ZJJ
#
_entry.id   4ZJJ
#
_cell.length_a   110.330
_cell.length_b   113.790
_cell.length_c   116.360
_cell.angle_alpha   90.00
_cell.angle_beta   90.00
_cell.angle_gamma   90.00
#
_symmetry.space_group_name_H-M   'P 21 21 2'
#
loop_
_entity.id
_entity.type
_entity.pdbx_description
1 polymer 'Serine/threonine-protein kinase PAK 1'
2 non-polymer (S)-N-(tert-butyl)-3-((2-chloro-5-ethyl-8-fluoro-dibenzodiazepin-11-yl)amino)pyrrolidine-1-carboxamide
3 non-polymer 'MAGNESIUM ION'
4 water water
#
_entity_poly.entity_id   1
_entity_poly.type   'polypeptide(L)'
_entity_poly.pdbx_seq_one_letter_code
;GPSDEEILEKLRSIVSVGDPKKKYTRFEKIGQGASGTVYTAMDVATGQEVAIKQMNLQQQPKKELIINEILVMRENKNPN
IVNYLDSYLVGDELWVVMEYLAGGSLTDVVTETCMDEGQIAAVCRECLQALEFLHSNQVIHRDIKSDNILLGMDGSVKLT
DFGFCAQITPEQSKRSTMVGTPYWMAPEVVTRKAYGPKVDIWSLGIMAIEMIEGEPPYLNENPLRALYLIATNGTPELQN
PEKLSAIFRDFLNRCLEMDVEKRGSAKELLQHQFLKIAKPLSSLTPLIAAAKEATKNNH
;
_entity_poly.pdbx_strand_id   A,B,C,D
#
loop_
_chem_comp.id
_chem_comp.type
_chem_comp.name
_chem_comp.formula
4OR non-polymer (S)-N-(tert-butyl)-3-((2-chloro-5-ethyl-8-fluoro-dibenzodiazepin-11-yl)amino)pyrrolidine-1-carboxamide 'C24 H29 Cl F N5 O'
MG non-polymer 'MAGNESIUM ION' 'Mg 2'
#
# COMPACT_ATOMS: atom_id res chain seq x y z
N SER A 3 -4.48 -31.14 -33.36
CA SER A 3 -5.46 -32.00 -32.70
C SER A 3 -4.94 -32.69 -31.42
N ASP A 4 -5.85 -32.98 -30.48
CA ASP A 4 -5.66 -33.60 -29.16
C ASP A 4 -4.66 -34.79 -29.14
N GLU A 5 -4.91 -35.84 -29.96
CA GLU A 5 -4.06 -37.03 -30.02
C GLU A 5 -2.74 -36.77 -30.72
N GLU A 6 -2.71 -35.79 -31.66
CA GLU A 6 -1.50 -35.40 -32.41
C GLU A 6 -0.53 -34.64 -31.49
N ILE A 7 -1.06 -34.05 -30.38
CA ILE A 7 -0.31 -33.33 -29.37
C ILE A 7 0.36 -34.32 -28.42
N LEU A 8 -0.38 -35.36 -27.97
CA LEU A 8 0.12 -36.43 -27.08
C LEU A 8 1.22 -37.26 -27.77
N GLU A 9 1.13 -37.41 -29.10
CA GLU A 9 2.12 -38.12 -29.92
C GLU A 9 3.36 -37.24 -30.12
N LYS A 10 3.18 -35.89 -30.21
CA LYS A 10 4.30 -34.95 -30.34
C LYS A 10 5.09 -34.94 -29.02
N LEU A 11 4.36 -34.95 -27.87
CA LEU A 11 4.93 -35.02 -26.52
C LEU A 11 5.70 -36.32 -26.32
N ARG A 12 5.11 -37.44 -26.78
CA ARG A 12 5.71 -38.77 -26.70
C ARG A 12 6.98 -38.84 -27.56
N SER A 13 7.06 -38.05 -28.66
CA SER A 13 8.23 -37.97 -29.56
C SER A 13 9.35 -37.10 -28.97
N ILE A 14 8.99 -36.11 -28.12
CA ILE A 14 9.96 -35.19 -27.52
C ILE A 14 10.58 -35.76 -26.26
N VAL A 15 9.79 -36.46 -25.42
CA VAL A 15 10.32 -37.03 -24.16
C VAL A 15 11.31 -38.15 -24.49
N SER A 16 12.20 -38.48 -23.54
CA SER A 16 13.24 -39.49 -23.70
C SER A 16 12.70 -40.90 -23.70
N VAL A 17 13.43 -41.80 -24.38
CA VAL A 17 13.11 -43.22 -24.44
C VAL A 17 13.76 -43.89 -23.23
N GLY A 18 13.07 -44.87 -22.65
CA GLY A 18 13.59 -45.58 -21.50
C GLY A 18 12.73 -45.49 -20.26
N ASP A 19 13.03 -46.36 -19.29
CA ASP A 19 12.31 -46.45 -18.02
C ASP A 19 13.11 -45.67 -16.96
N PRO A 20 12.63 -44.50 -16.47
CA PRO A 20 13.41 -43.76 -15.45
C PRO A 20 13.53 -44.50 -14.11
N LYS A 21 12.63 -45.48 -13.86
CA LYS A 21 12.66 -46.32 -12.66
C LYS A 21 13.91 -47.27 -12.73
N LYS A 22 14.40 -47.51 -13.96
CA LYS A 22 15.58 -48.34 -14.21
C LYS A 22 16.85 -47.53 -14.46
N LYS A 23 16.71 -46.38 -15.14
CA LYS A 23 17.80 -45.49 -15.51
C LYS A 23 18.34 -44.67 -14.34
N TYR A 24 17.51 -44.51 -13.29
CA TYR A 24 17.86 -43.78 -12.07
C TYR A 24 17.61 -44.67 -10.90
N THR A 25 18.43 -44.49 -9.84
CA THR A 25 18.35 -45.29 -8.63
C THR A 25 18.61 -44.42 -7.41
N ARG A 26 18.44 -44.99 -6.20
CA ARG A 26 18.65 -44.33 -4.91
C ARG A 26 17.88 -43.00 -4.83
N PHE A 27 16.57 -43.07 -5.03
CA PHE A 27 15.66 -41.94 -4.97
C PHE A 27 15.49 -41.50 -3.54
N GLU A 28 15.57 -40.19 -3.31
CA GLU A 28 15.41 -39.59 -1.98
C GLU A 28 14.58 -38.35 -2.14
N LYS A 29 13.38 -38.37 -1.56
CA LYS A 29 12.44 -37.25 -1.63
C LYS A 29 13.02 -36.05 -0.90
N ILE A 30 13.16 -34.94 -1.60
CA ILE A 30 13.73 -33.72 -1.02
C ILE A 30 12.68 -32.60 -0.92
N GLY A 31 11.56 -32.75 -1.62
CA GLY A 31 10.47 -31.78 -1.60
C GLY A 31 9.17 -32.30 -2.14
N GLN A 32 8.05 -31.72 -1.71
CA GLN A 32 6.69 -32.04 -2.14
C GLN A 32 5.75 -30.89 -1.84
N GLY A 33 4.83 -30.64 -2.76
CA GLY A 33 3.79 -29.63 -2.64
C GLY A 33 2.64 -30.01 -3.54
N ALA A 34 1.65 -29.11 -3.68
CA ALA A 34 0.52 -29.35 -4.56
C ALA A 34 0.89 -29.41 -6.05
N SER A 35 2.02 -28.79 -6.45
CA SER A 35 2.46 -28.78 -7.85
C SER A 35 3.28 -30.00 -8.30
N GLY A 36 3.89 -30.70 -7.35
CA GLY A 36 4.67 -31.90 -7.66
C GLY A 36 5.65 -32.35 -6.58
N THR A 37 6.46 -33.35 -6.93
CA THR A 37 7.46 -33.96 -6.04
C THR A 37 8.86 -33.81 -6.62
N VAL A 38 9.81 -33.53 -5.74
CA VAL A 38 11.22 -33.37 -6.08
C VAL A 38 12.02 -34.45 -5.35
N TYR A 39 12.86 -35.18 -6.10
CA TYR A 39 13.73 -36.22 -5.56
C TYR A 39 15.14 -35.92 -6.00
N THR A 40 16.10 -36.47 -5.27
CA THR A 40 17.48 -36.55 -5.75
C THR A 40 17.59 -38.04 -6.15
N ALA A 41 18.41 -38.33 -7.13
CA ALA A 41 18.61 -39.70 -7.60
C ALA A 41 20.00 -39.83 -8.21
N MET A 42 20.42 -41.05 -8.44
CA MET A 42 21.70 -41.41 -9.03
C MET A 42 21.43 -41.88 -10.45
N ASP A 43 22.07 -41.22 -11.43
CA ASP A 43 21.98 -41.63 -12.83
C ASP A 43 22.84 -42.89 -12.88
N VAL A 44 22.19 -44.05 -13.12
CA VAL A 44 22.85 -45.37 -13.18
C VAL A 44 24.00 -45.36 -14.20
N ALA A 45 23.75 -44.82 -15.42
CA ALA A 45 24.77 -44.82 -16.48
C ALA A 45 25.96 -43.91 -16.26
N THR A 46 25.75 -42.71 -15.68
CA THR A 46 26.82 -41.70 -15.54
C THR A 46 27.48 -41.61 -14.17
N GLY A 47 26.79 -42.08 -13.13
CA GLY A 47 27.31 -42.02 -11.79
C GLY A 47 27.23 -40.63 -11.18
N GLN A 48 26.42 -39.77 -11.78
CA GLN A 48 26.20 -38.41 -11.33
C GLN A 48 24.86 -38.32 -10.62
N GLU A 49 24.83 -37.54 -9.53
CA GLU A 49 23.63 -37.24 -8.77
C GLU A 49 22.82 -36.20 -9.56
N VAL A 50 21.50 -36.44 -9.70
CA VAL A 50 20.56 -35.61 -10.44
C VAL A 50 19.36 -35.26 -9.56
N ALA A 51 18.53 -34.31 -10.01
CA ALA A 51 17.29 -33.93 -9.35
C ALA A 51 16.17 -34.31 -10.32
N ILE A 52 15.06 -34.83 -9.80
CA ILE A 52 13.94 -35.26 -10.64
C ILE A 52 12.63 -34.67 -10.10
N LYS A 53 11.93 -33.91 -10.94
CA LYS A 53 10.62 -33.36 -10.65
C LYS A 53 9.57 -34.31 -11.27
N GLN A 54 8.58 -34.71 -10.47
CA GLN A 54 7.48 -35.58 -10.92
C GLN A 54 6.19 -34.77 -10.83
N MET A 55 5.50 -34.61 -11.96
CA MET A 55 4.26 -33.84 -12.03
C MET A 55 3.14 -34.67 -12.65
N ASN A 56 1.94 -34.66 -12.02
CA ASN A 56 0.76 -35.39 -12.46
C ASN A 56 -0.03 -34.58 -13.46
N LEU A 57 -1.31 -34.95 -13.73
CA LEU A 57 -2.17 -34.19 -14.64
C LEU A 57 -2.75 -32.96 -13.88
N GLN A 58 -2.13 -31.77 -14.09
CA GLN A 58 -2.48 -30.50 -13.45
C GLN A 58 -1.76 -29.32 -14.15
N LYS A 63 -1.34 -29.14 -22.72
CA LYS A 63 -0.36 -30.10 -23.22
C LYS A 63 0.54 -29.53 -24.34
N GLU A 64 0.01 -28.55 -25.12
CA GLU A 64 0.82 -27.92 -26.17
C GLU A 64 1.84 -26.97 -25.52
N LEU A 65 1.49 -26.42 -24.34
CA LEU A 65 2.38 -25.54 -23.58
C LEU A 65 3.55 -26.35 -23.01
N ILE A 66 3.27 -27.57 -22.52
CA ILE A 66 4.26 -28.53 -21.99
C ILE A 66 5.32 -28.80 -23.05
N ILE A 67 4.90 -29.05 -24.30
CA ILE A 67 5.78 -29.35 -25.44
C ILE A 67 6.76 -28.20 -25.67
N ASN A 68 6.28 -26.95 -25.74
CA ASN A 68 7.16 -25.81 -25.96
C ASN A 68 8.06 -25.54 -24.76
N GLU A 69 7.54 -25.74 -23.54
CA GLU A 69 8.29 -25.56 -22.32
C GLU A 69 9.47 -26.53 -22.24
N ILE A 70 9.23 -27.81 -22.58
CA ILE A 70 10.28 -28.85 -22.60
C ILE A 70 11.32 -28.52 -23.66
N LEU A 71 10.86 -28.17 -24.87
CA LEU A 71 11.74 -27.80 -25.98
C LEU A 71 12.65 -26.62 -25.60
N VAL A 72 12.09 -25.58 -24.95
CA VAL A 72 12.83 -24.39 -24.51
C VAL A 72 13.95 -24.80 -23.52
N MET A 73 13.65 -25.63 -22.51
CA MET A 73 14.69 -26.04 -21.55
C MET A 73 15.69 -27.05 -22.12
N ARG A 74 15.28 -27.83 -23.10
CA ARG A 74 16.17 -28.78 -23.76
C ARG A 74 17.14 -28.05 -24.73
N GLU A 75 16.68 -26.97 -25.35
CA GLU A 75 17.49 -26.20 -26.30
C GLU A 75 18.30 -25.05 -25.65
N ASN A 76 17.95 -24.68 -24.39
CA ASN A 76 18.60 -23.57 -23.71
C ASN A 76 19.18 -23.95 -22.39
N LYS A 77 20.52 -23.85 -22.32
CA LYS A 77 21.35 -24.22 -21.18
C LYS A 77 22.15 -23.04 -20.67
N ASN A 78 22.38 -23.05 -19.36
CA ASN A 78 23.16 -22.03 -18.69
C ASN A 78 23.90 -22.65 -17.51
N PRO A 79 25.18 -22.27 -17.28
CA PRO A 79 25.91 -22.87 -16.14
C PRO A 79 25.33 -22.55 -14.76
N ASN A 80 24.56 -21.45 -14.63
CA ASN A 80 24.03 -21.00 -13.34
C ASN A 80 22.62 -21.49 -13.01
N ILE A 81 22.11 -22.46 -13.77
CA ILE A 81 20.84 -23.11 -13.47
C ILE A 81 21.12 -24.62 -13.46
N VAL A 82 20.24 -25.37 -12.82
CA VAL A 82 20.26 -26.84 -12.89
C VAL A 82 19.60 -27.10 -14.24
N ASN A 83 20.43 -27.54 -15.23
CA ASN A 83 19.96 -27.72 -16.58
C ASN A 83 19.13 -28.95 -16.77
N TYR A 84 18.20 -28.89 -17.73
CA TYR A 84 17.39 -30.04 -18.14
C TYR A 84 18.34 -31.12 -18.67
N LEU A 85 18.16 -32.36 -18.20
CA LEU A 85 18.99 -33.47 -18.70
C LEU A 85 18.15 -34.43 -19.53
N ASP A 86 16.91 -34.69 -19.08
CA ASP A 86 15.97 -35.65 -19.71
C ASP A 86 14.57 -35.47 -19.17
N SER A 87 13.59 -36.14 -19.80
CA SER A 87 12.20 -36.13 -19.39
C SER A 87 11.52 -37.43 -19.83
N TYR A 88 10.50 -37.86 -19.07
CA TYR A 88 9.81 -39.13 -19.30
C TYR A 88 8.37 -39.01 -18.97
N LEU A 89 7.53 -39.78 -19.68
CA LEU A 89 6.11 -39.87 -19.39
C LEU A 89 5.94 -41.26 -18.76
N VAL A 90 5.57 -41.29 -17.47
CA VAL A 90 5.36 -42.53 -16.72
C VAL A 90 3.86 -42.53 -16.46
N GLY A 91 3.12 -43.23 -17.32
CA GLY A 91 1.67 -43.25 -17.27
C GLY A 91 1.15 -41.85 -17.48
N ASP A 92 0.49 -41.28 -16.44
CA ASP A 92 -0.07 -39.92 -16.47
C ASP A 92 0.94 -38.86 -15.99
N GLU A 93 2.04 -39.29 -15.35
CA GLU A 93 3.06 -38.42 -14.80
C GLU A 93 4.15 -38.04 -15.78
N LEU A 94 4.61 -36.79 -15.65
CA LEU A 94 5.72 -36.25 -16.40
C LEU A 94 6.89 -36.09 -15.41
N TRP A 95 8.01 -36.73 -15.70
CA TRP A 95 9.23 -36.67 -14.90
C TRP A 95 10.25 -35.84 -15.63
N VAL A 96 10.84 -34.82 -14.97
CA VAL A 96 11.89 -33.97 -15.56
C VAL A 96 13.16 -34.13 -14.75
N VAL A 97 14.24 -34.56 -15.41
CA VAL A 97 15.57 -34.80 -14.82
C VAL A 97 16.43 -33.60 -15.14
N MET A 98 17.11 -33.07 -14.12
CA MET A 98 17.95 -31.90 -14.24
C MET A 98 19.16 -32.11 -13.40
N GLU A 99 20.11 -31.20 -13.52
CA GLU A 99 21.35 -31.25 -12.73
C GLU A 99 21.08 -31.05 -11.24
N TYR A 100 22.11 -31.30 -10.43
CA TYR A 100 22.03 -31.16 -8.99
C TYR A 100 23.42 -30.88 -8.47
N LEU A 101 23.51 -30.07 -7.40
CA LEU A 101 24.79 -29.81 -6.73
C LEU A 101 24.59 -30.26 -5.28
N ALA A 102 25.48 -31.11 -4.76
CA ALA A 102 25.35 -31.71 -3.43
C ALA A 102 26.15 -31.02 -2.29
N GLY A 103 26.83 -29.92 -2.57
CA GLY A 103 27.58 -29.17 -1.56
C GLY A 103 26.69 -28.56 -0.48
N GLY A 104 25.47 -28.21 -0.84
CA GLY A 104 24.47 -27.66 0.06
C GLY A 104 23.69 -26.55 -0.59
N SER A 105 22.82 -25.89 0.18
CA SER A 105 22.06 -24.73 -0.32
C SER A 105 22.62 -23.45 0.28
N LEU A 106 22.28 -22.29 -0.33
CA LEU A 106 22.68 -21.00 0.24
C LEU A 106 22.01 -20.82 1.64
N THR A 107 20.82 -21.44 1.87
CA THR A 107 20.14 -21.38 3.18
C THR A 107 21.05 -21.94 4.27
N ASP A 108 21.69 -23.11 4.00
CA ASP A 108 22.61 -23.72 4.95
C ASP A 108 23.72 -22.75 5.27
N VAL A 109 24.32 -22.13 4.24
CA VAL A 109 25.43 -21.19 4.42
C VAL A 109 25.02 -19.97 5.26
N VAL A 110 23.90 -19.32 4.92
CA VAL A 110 23.46 -18.10 5.61
C VAL A 110 22.95 -18.37 7.04
N THR A 111 22.41 -19.58 7.31
CA THR A 111 21.91 -19.87 8.67
C THR A 111 23.02 -20.38 9.59
N GLU A 112 24.12 -20.90 9.01
CA GLU A 112 25.22 -21.45 9.79
C GLU A 112 26.49 -20.63 9.84
N THR A 113 26.79 -19.88 8.77
CA THR A 113 28.04 -19.13 8.68
C THR A 113 27.78 -17.64 8.42
N CYS A 114 28.87 -16.84 8.36
CA CYS A 114 28.83 -15.41 8.07
C CYS A 114 29.63 -15.17 6.81
N MET A 115 28.97 -14.60 5.81
CA MET A 115 29.58 -14.28 4.52
C MET A 115 30.07 -12.85 4.54
N ASP A 116 31.19 -12.59 3.87
CA ASP A 116 31.71 -11.22 3.74
C ASP A 116 31.20 -10.65 2.42
N GLU A 117 31.35 -9.34 2.19
CA GLU A 117 30.85 -8.68 0.96
C GLU A 117 31.37 -9.29 -0.36
N GLY A 118 32.62 -9.74 -0.37
CA GLY A 118 33.25 -10.38 -1.52
C GLY A 118 32.58 -11.69 -1.88
N GLN A 119 32.14 -12.44 -0.86
CA GLN A 119 31.44 -13.72 -1.02
C GLN A 119 29.98 -13.47 -1.44
N ILE A 120 29.34 -12.41 -0.91
CA ILE A 120 27.96 -12.03 -1.25
C ILE A 120 27.94 -11.59 -2.72
N ALA A 121 28.94 -10.79 -3.15
CA ALA A 121 29.08 -10.28 -4.53
C ALA A 121 29.25 -11.40 -5.54
N ALA A 122 30.06 -12.43 -5.21
CA ALA A 122 30.25 -13.61 -6.05
C ALA A 122 28.90 -14.32 -6.24
N VAL A 123 28.17 -14.60 -5.13
CA VAL A 123 26.87 -15.28 -5.19
C VAL A 123 25.85 -14.46 -5.96
N CYS A 124 25.78 -13.13 -5.70
CA CYS A 124 24.85 -12.25 -6.40
C CYS A 124 25.09 -12.27 -7.88
N ARG A 125 26.38 -12.21 -8.29
CA ARG A 125 26.76 -12.24 -9.70
C ARG A 125 26.28 -13.54 -10.37
N GLU A 126 26.53 -14.71 -9.77
CA GLU A 126 26.12 -16.01 -10.33
C GLU A 126 24.60 -16.10 -10.47
N CYS A 127 23.86 -15.65 -9.45
N CYS A 127 23.85 -15.68 -9.42
CA CYS A 127 22.41 -15.62 -9.44
CA CYS A 127 22.39 -15.67 -9.45
C CYS A 127 21.85 -14.68 -10.48
C CYS A 127 21.86 -14.69 -10.50
N LEU A 128 22.51 -13.53 -10.65
CA LEU A 128 22.10 -12.52 -11.65
C LEU A 128 22.29 -13.04 -13.07
N GLN A 129 23.35 -13.84 -13.31
CA GLN A 129 23.65 -14.48 -14.58
C GLN A 129 22.54 -15.49 -14.89
N ALA A 130 22.09 -16.28 -13.89
CA ALA A 130 20.98 -17.22 -14.02
C ALA A 130 19.69 -16.47 -14.39
N LEU A 131 19.40 -15.35 -13.69
CA LEU A 131 18.21 -14.52 -13.92
C LEU A 131 18.22 -13.88 -15.30
N GLU A 132 19.38 -13.34 -15.70
CA GLU A 132 19.54 -12.74 -17.02
C GLU A 132 19.21 -13.77 -18.11
N PHE A 133 19.74 -15.01 -17.96
CA PHE A 133 19.47 -16.12 -18.88
C PHE A 133 17.97 -16.44 -18.94
N LEU A 134 17.33 -16.65 -17.79
CA LEU A 134 15.92 -16.99 -17.74
C LEU A 134 15.04 -15.91 -18.33
N HIS A 135 15.26 -14.64 -17.93
CA HIS A 135 14.48 -13.49 -18.41
C HIS A 135 14.61 -13.31 -19.91
N SER A 136 15.79 -13.65 -20.47
CA SER A 136 16.05 -13.52 -21.93
C SER A 136 15.25 -14.60 -22.68
N ASN A 137 14.77 -15.63 -21.97
CA ASN A 137 13.97 -16.70 -22.55
C ASN A 137 12.51 -16.52 -22.14
N GLN A 138 12.17 -15.34 -21.59
CA GLN A 138 10.83 -14.94 -21.12
C GLN A 138 10.36 -15.81 -19.95
N VAL A 139 11.32 -16.31 -19.15
CA VAL A 139 10.98 -17.08 -17.98
C VAL A 139 11.20 -16.25 -16.72
N ILE A 140 10.16 -16.11 -15.89
CA ILE A 140 10.23 -15.38 -14.63
C ILE A 140 10.22 -16.48 -13.56
N HIS A 141 11.16 -16.41 -12.63
CA HIS A 141 11.32 -17.44 -11.62
C HIS A 141 10.21 -17.43 -10.58
N ARG A 142 9.94 -16.27 -9.98
CA ARG A 142 8.88 -15.99 -8.97
C ARG A 142 9.15 -16.63 -7.63
N ASP A 143 10.23 -17.38 -7.49
CA ASP A 143 10.53 -17.99 -6.20
C ASP A 143 12.00 -17.91 -5.84
N ILE A 144 12.65 -16.78 -6.17
CA ILE A 144 14.07 -16.55 -5.83
C ILE A 144 14.24 -16.44 -4.29
N LYS A 145 15.09 -17.28 -3.72
CA LYS A 145 15.39 -17.34 -2.28
C LYS A 145 16.57 -18.28 -2.10
N SER A 146 17.27 -18.18 -0.95
CA SER A 146 18.48 -18.97 -0.68
C SER A 146 18.28 -20.48 -0.82
N ASP A 147 17.05 -20.98 -0.55
CA ASP A 147 16.66 -22.41 -0.62
C ASP A 147 16.79 -22.94 -2.03
N ASN A 148 16.64 -22.03 -3.02
CA ASN A 148 16.69 -22.36 -4.44
C ASN A 148 18.06 -22.13 -5.06
N ILE A 149 19.09 -21.90 -4.26
CA ILE A 149 20.48 -21.73 -4.73
C ILE A 149 21.24 -22.95 -4.22
N LEU A 150 21.58 -23.85 -5.12
CA LEU A 150 22.35 -25.01 -4.79
C LEU A 150 23.82 -24.69 -4.99
N LEU A 151 24.66 -25.22 -4.13
CA LEU A 151 26.10 -24.98 -4.17
C LEU A 151 26.90 -26.26 -4.29
N GLY A 152 27.95 -26.20 -5.09
CA GLY A 152 28.90 -27.30 -5.24
C GLY A 152 30.00 -27.06 -4.23
N MET A 153 30.77 -28.11 -3.88
CA MET A 153 31.88 -27.99 -2.93
C MET A 153 32.91 -26.95 -3.38
N ASP A 154 33.11 -26.82 -4.71
CA ASP A 154 34.05 -25.86 -5.29
C ASP A 154 33.50 -24.40 -5.30
N GLY A 155 32.31 -24.19 -4.73
CA GLY A 155 31.66 -22.87 -4.69
C GLY A 155 30.79 -22.54 -5.90
N SER A 156 30.62 -23.49 -6.80
CA SER A 156 29.76 -23.27 -7.99
C SER A 156 28.31 -23.10 -7.57
N VAL A 157 27.59 -22.21 -8.28
CA VAL A 157 26.23 -21.78 -7.96
C VAL A 157 25.25 -22.15 -9.06
N LYS A 158 24.16 -22.81 -8.68
CA LYS A 158 23.06 -23.16 -9.59
C LYS A 158 21.74 -22.85 -8.94
N LEU A 159 20.91 -22.14 -9.68
CA LEU A 159 19.56 -21.79 -9.32
C LEU A 159 18.65 -22.96 -9.68
N THR A 160 17.73 -23.33 -8.77
CA THR A 160 16.71 -24.37 -8.95
C THR A 160 15.32 -23.75 -8.76
N ASP A 161 14.26 -24.53 -9.06
CA ASP A 161 12.89 -24.09 -8.86
C ASP A 161 12.10 -25.24 -8.25
N PHE A 162 12.45 -25.60 -7.01
CA PHE A 162 11.87 -26.78 -6.37
C PHE A 162 10.46 -26.57 -5.79
N GLY A 163 9.96 -25.35 -5.86
CA GLY A 163 8.59 -25.00 -5.47
C GLY A 163 7.69 -24.90 -6.67
N PHE A 164 8.23 -25.16 -7.91
CA PHE A 164 7.49 -25.15 -9.17
C PHE A 164 6.83 -23.78 -9.48
N CYS A 165 7.59 -22.67 -9.37
CA CYS A 165 7.03 -21.34 -9.60
C CYS A 165 7.31 -20.72 -10.95
N ALA A 166 8.45 -21.09 -11.59
CA ALA A 166 8.87 -20.49 -12.85
C ALA A 166 7.89 -20.71 -13.95
N GLN A 167 7.67 -19.66 -14.73
CA GLN A 167 6.73 -19.71 -15.83
C GLN A 167 7.13 -18.80 -16.96
N ILE A 168 6.74 -19.18 -18.18
CA ILE A 168 6.93 -18.35 -19.37
C ILE A 168 5.91 -17.22 -19.29
N THR A 169 6.35 -15.98 -19.48
CA THR A 169 5.55 -14.76 -19.39
C THR A 169 4.36 -14.77 -20.37
N THR A 177 -3.88 -16.33 -8.79
CA THR A 177 -2.96 -17.27 -8.13
C THR A 177 -1.67 -16.55 -7.65
N MET A 178 -1.48 -16.41 -6.30
CA MET A 178 -0.31 -15.72 -5.74
C MET A 178 0.83 -16.69 -5.54
N VAL A 179 1.87 -16.50 -6.31
CA VAL A 179 3.00 -17.41 -6.38
C VAL A 179 4.27 -16.82 -5.72
N GLY A 180 5.00 -17.69 -5.03
CA GLY A 180 6.26 -17.39 -4.39
C GLY A 180 6.28 -17.85 -2.94
N THR A 181 7.21 -17.27 -2.16
CA THR A 181 7.40 -17.51 -0.72
C THR A 181 7.26 -16.12 -0.08
N PRO A 182 6.26 -15.95 0.79
CA PRO A 182 5.91 -14.61 1.31
C PRO A 182 7.06 -13.65 1.59
N TYR A 183 8.01 -14.01 2.49
CA TYR A 183 9.12 -13.08 2.87
C TYR A 183 9.90 -12.52 1.67
N TRP A 184 9.99 -13.28 0.58
CA TRP A 184 10.75 -12.84 -0.60
C TRP A 184 9.92 -12.17 -1.66
N MET A 185 8.61 -12.04 -1.44
CA MET A 185 7.76 -11.47 -2.49
C MET A 185 7.88 -9.97 -2.66
N ALA A 186 7.93 -9.51 -3.93
CA ALA A 186 7.91 -8.09 -4.26
C ALA A 186 6.57 -7.47 -3.82
N PRO A 187 6.50 -6.17 -3.39
CA PRO A 187 5.19 -5.57 -3.01
C PRO A 187 4.11 -5.59 -4.08
N GLU A 188 4.51 -5.45 -5.36
CA GLU A 188 3.54 -5.43 -6.45
C GLU A 188 2.99 -6.83 -6.73
N VAL A 189 3.68 -7.89 -6.31
CA VAL A 189 3.18 -9.27 -6.39
C VAL A 189 2.12 -9.42 -5.28
N VAL A 190 2.46 -8.99 -4.05
CA VAL A 190 1.57 -9.08 -2.87
C VAL A 190 0.27 -8.33 -3.11
N THR A 191 0.37 -7.11 -3.69
CA THR A 191 -0.82 -6.27 -3.83
C THR A 191 -1.57 -6.49 -5.13
N ARG A 192 -0.90 -6.81 -6.25
CA ARG A 192 -1.68 -6.97 -7.47
C ARG A 192 -1.20 -8.09 -8.42
N LYS A 193 -0.36 -9.04 -7.92
CA LYS A 193 0.15 -10.19 -8.70
C LYS A 193 0.81 -9.73 -10.02
N ALA A 194 1.51 -8.58 -9.97
CA ALA A 194 2.16 -8.00 -11.14
C ALA A 194 3.50 -8.70 -11.38
N TYR A 195 3.41 -9.92 -11.95
CA TYR A 195 4.61 -10.70 -12.24
C TYR A 195 5.32 -10.11 -13.43
N GLY A 196 6.62 -10.12 -13.34
CA GLY A 196 7.50 -9.57 -14.34
C GLY A 196 8.91 -9.86 -13.90
N PRO A 197 9.90 -9.64 -14.76
CA PRO A 197 11.28 -9.99 -14.38
C PRO A 197 11.77 -9.31 -13.12
N LYS A 198 11.30 -8.07 -12.87
CA LYS A 198 11.71 -7.28 -11.70
C LYS A 198 11.33 -7.90 -10.35
N VAL A 199 10.39 -8.87 -10.31
CA VAL A 199 10.05 -9.52 -9.02
C VAL A 199 11.21 -10.42 -8.58
N ASP A 200 11.99 -10.93 -9.58
CA ASP A 200 13.14 -11.79 -9.33
C ASP A 200 14.27 -10.99 -8.78
N ILE A 201 14.35 -9.70 -9.21
CA ILE A 201 15.38 -8.76 -8.76
C ILE A 201 15.08 -8.37 -7.31
N TRP A 202 13.79 -8.09 -6.99
CA TRP A 202 13.37 -7.79 -5.63
C TRP A 202 13.78 -8.95 -4.73
N SER A 203 13.35 -10.19 -5.10
CA SER A 203 13.65 -11.43 -4.37
C SER A 203 15.14 -11.64 -4.16
N LEU A 204 15.96 -11.32 -5.17
CA LEU A 204 17.43 -11.38 -5.03
C LEU A 204 17.92 -10.38 -3.97
N GLY A 205 17.32 -9.18 -3.92
CA GLY A 205 17.65 -8.17 -2.91
C GLY A 205 17.35 -8.69 -1.51
N ILE A 206 16.23 -9.43 -1.35
CA ILE A 206 15.86 -10.08 -0.09
C ILE A 206 16.86 -11.20 0.27
N MET A 207 17.33 -11.94 -0.74
CA MET A 207 18.32 -13.00 -0.56
C MET A 207 19.68 -12.39 -0.18
N ALA A 208 20.00 -11.21 -0.72
CA ALA A 208 21.20 -10.47 -0.36
C ALA A 208 21.09 -10.05 1.13
N ILE A 209 19.87 -9.69 1.61
CA ILE A 209 19.65 -9.38 3.03
C ILE A 209 19.86 -10.66 3.90
N GLU A 210 19.39 -11.83 3.39
CA GLU A 210 19.62 -13.13 4.05
C GLU A 210 21.14 -13.36 4.25
N MET A 211 21.95 -12.99 3.28
CA MET A 211 23.40 -13.16 3.31
C MET A 211 24.11 -12.24 4.32
N ILE A 212 23.53 -11.09 4.63
CA ILE A 212 24.06 -10.11 5.62
C ILE A 212 23.56 -10.50 7.02
N GLU A 213 22.25 -10.76 7.16
CA GLU A 213 21.63 -10.95 8.48
C GLU A 213 21.27 -12.41 8.84
N GLY A 214 21.34 -13.30 7.88
CA GLY A 214 21.02 -14.71 8.09
C GLY A 214 19.57 -15.02 7.79
N GLU A 215 18.73 -13.98 7.63
CA GLU A 215 17.29 -14.17 7.42
C GLU A 215 16.70 -13.11 6.55
N PRO A 216 15.56 -13.38 5.87
CA PRO A 216 14.88 -12.30 5.16
C PRO A 216 14.18 -11.40 6.20
N PRO A 217 13.73 -10.17 5.87
CA PRO A 217 13.02 -9.38 6.87
C PRO A 217 11.71 -10.07 7.29
N TYR A 218 11.33 -9.93 8.58
CA TYR A 218 10.08 -10.42 9.18
C TYR A 218 9.99 -11.93 9.38
N LEU A 219 11.11 -12.70 9.23
CA LEU A 219 11.06 -14.16 9.39
C LEU A 219 10.46 -14.61 10.74
N ASN A 220 10.58 -13.78 11.76
CA ASN A 220 9.98 -14.02 13.10
C ASN A 220 8.43 -13.95 13.09
N GLU A 221 7.85 -13.35 12.05
CA GLU A 221 6.41 -13.25 11.95
C GLU A 221 5.85 -14.42 11.16
N ASN A 222 4.54 -14.68 11.31
CA ASN A 222 3.87 -15.73 10.52
C ASN A 222 3.95 -15.30 9.04
N PRO A 223 4.02 -16.22 8.06
CA PRO A 223 4.13 -15.79 6.63
C PRO A 223 3.01 -14.88 6.12
N LEU A 224 1.80 -14.99 6.65
CA LEU A 224 0.69 -14.16 6.16
C LEU A 224 0.81 -12.71 6.61
N ARG A 225 1.28 -12.49 7.83
CA ARG A 225 1.50 -11.14 8.40
C ARG A 225 2.64 -10.49 7.65
N ALA A 226 3.64 -11.27 7.26
CA ALA A 226 4.79 -10.78 6.50
C ALA A 226 4.34 -10.14 5.20
N LEU A 227 3.27 -10.68 4.56
CA LEU A 227 2.69 -10.14 3.33
C LEU A 227 2.20 -8.72 3.54
N TYR A 228 1.55 -8.48 4.70
CA TYR A 228 1.02 -7.17 5.12
C TYR A 228 2.13 -6.23 5.47
N LEU A 229 3.25 -6.73 6.00
CA LEU A 229 4.45 -5.94 6.30
C LEU A 229 5.16 -5.48 5.02
N ILE A 230 5.26 -6.36 4.03
CA ILE A 230 5.87 -6.03 2.74
C ILE A 230 4.95 -5.02 1.98
N ALA A 231 3.64 -5.30 1.90
CA ALA A 231 2.68 -4.44 1.21
C ALA A 231 2.62 -3.00 1.76
N THR A 232 2.87 -2.85 3.07
CA THR A 232 2.83 -1.53 3.73
C THR A 232 4.20 -0.88 3.82
N ASN A 233 5.23 -1.60 4.29
CA ASN A 233 6.59 -1.05 4.41
C ASN A 233 7.21 -0.83 3.05
N GLY A 234 7.00 -1.77 2.13
CA GLY A 234 7.62 -1.70 0.80
C GLY A 234 9.09 -2.03 0.92
N THR A 235 9.98 -1.07 0.61
CA THR A 235 11.43 -1.26 0.71
C THR A 235 11.79 -1.61 2.16
N PRO A 236 12.31 -2.84 2.41
CA PRO A 236 12.67 -3.21 3.79
C PRO A 236 13.91 -2.46 4.27
N GLU A 237 14.00 -2.26 5.58
CA GLU A 237 15.15 -1.59 6.21
C GLU A 237 16.20 -2.59 6.72
N LEU A 238 17.48 -2.19 6.68
CA LEU A 238 18.52 -3.06 7.22
C LEU A 238 18.68 -2.83 8.72
N GLN A 239 19.07 -3.86 9.48
CA GLN A 239 19.33 -3.77 10.92
C GLN A 239 20.53 -2.83 11.24
N ASN A 240 21.66 -2.97 10.51
CA ASN A 240 22.90 -2.21 10.72
C ASN A 240 23.49 -1.81 9.33
N PRO A 241 22.86 -0.86 8.61
CA PRO A 241 23.39 -0.48 7.27
C PRO A 241 24.79 0.14 7.27
N GLU A 242 25.16 0.82 8.37
CA GLU A 242 26.45 1.47 8.54
C GLU A 242 27.63 0.49 8.48
N LYS A 243 27.38 -0.81 8.73
CA LYS A 243 28.40 -1.88 8.68
C LYS A 243 28.71 -2.31 7.22
N LEU A 244 27.92 -1.82 6.26
CA LEU A 244 28.08 -2.15 4.84
C LEU A 244 28.72 -1.03 4.07
N SER A 245 29.41 -1.39 2.98
CA SER A 245 30.04 -0.40 2.09
C SER A 245 28.94 0.39 1.35
N ALA A 246 29.27 1.59 0.88
CA ALA A 246 28.33 2.44 0.14
C ALA A 246 27.88 1.74 -1.15
N ILE A 247 28.80 0.99 -1.78
CA ILE A 247 28.57 0.27 -3.02
C ILE A 247 27.57 -0.90 -2.84
N PHE A 248 27.68 -1.63 -1.73
CA PHE A 248 26.74 -2.71 -1.39
C PHE A 248 25.35 -2.10 -1.11
N ARG A 249 25.32 -1.00 -0.34
CA ARG A 249 24.06 -0.34 -0.01
C ARG A 249 23.34 0.15 -1.25
N ASP A 250 24.10 0.71 -2.21
CA ASP A 250 23.57 1.16 -3.49
C ASP A 250 22.97 -0.02 -4.27
N PHE A 251 23.68 -1.18 -4.30
CA PHE A 251 23.23 -2.39 -4.99
C PHE A 251 21.89 -2.86 -4.41
N LEU A 252 21.79 -2.90 -3.07
CA LEU A 252 20.55 -3.28 -2.37
C LEU A 252 19.40 -2.34 -2.69
N ASN A 253 19.64 -1.01 -2.69
CA ASN A 253 18.61 -0.01 -3.05
C ASN A 253 18.11 -0.23 -4.46
N ARG A 254 19.01 -0.57 -5.41
CA ARG A 254 18.64 -0.81 -6.82
C ARG A 254 17.78 -2.09 -6.96
N CYS A 255 18.03 -3.14 -6.11
CA CYS A 255 17.27 -4.40 -6.11
C CYS A 255 15.91 -4.17 -5.48
N LEU A 256 15.83 -3.31 -4.42
CA LEU A 256 14.61 -3.14 -3.62
C LEU A 256 13.89 -1.84 -3.86
N GLU A 257 14.03 -1.31 -5.05
CA GLU A 257 13.36 -0.08 -5.47
C GLU A 257 11.82 -0.33 -5.58
N MET A 258 11.00 0.56 -4.98
CA MET A 258 9.52 0.41 -5.04
C MET A 258 8.99 0.55 -6.45
N ASP A 259 9.59 1.43 -7.22
CA ASP A 259 9.21 1.73 -8.58
C ASP A 259 9.83 0.63 -9.44
N VAL A 260 8.96 -0.19 -10.03
CA VAL A 260 9.27 -1.31 -10.90
C VAL A 260 10.24 -0.90 -12.03
N GLU A 261 10.01 0.25 -12.67
CA GLU A 261 10.83 0.78 -13.76
C GLU A 261 12.25 1.15 -13.27
N LYS A 262 12.36 1.80 -12.10
CA LYS A 262 13.63 2.20 -11.50
C LYS A 262 14.43 0.99 -10.99
N ARG A 263 13.73 -0.08 -10.57
CA ARG A 263 14.37 -1.30 -10.08
C ARG A 263 15.29 -1.86 -11.19
N GLY A 264 16.51 -2.21 -10.86
CA GLY A 264 17.46 -2.69 -11.86
C GLY A 264 17.05 -4.01 -12.49
N SER A 265 17.36 -4.21 -13.78
CA SER A 265 17.14 -5.50 -14.43
C SER A 265 18.40 -6.33 -14.10
N ALA A 266 18.38 -7.64 -14.38
CA ALA A 266 19.54 -8.51 -14.15
C ALA A 266 20.73 -8.05 -15.00
N LYS A 267 20.49 -7.70 -16.27
CA LYS A 267 21.50 -7.17 -17.19
C LYS A 267 22.17 -5.92 -16.60
N GLU A 268 21.35 -4.93 -16.14
CA GLU A 268 21.88 -3.69 -15.56
C GLU A 268 22.66 -3.94 -14.30
N LEU A 269 22.12 -4.81 -13.41
CA LEU A 269 22.75 -5.11 -12.13
C LEU A 269 24.04 -5.92 -12.28
N LEU A 270 24.21 -6.66 -13.38
CA LEU A 270 25.47 -7.36 -13.62
C LEU A 270 26.63 -6.38 -13.87
N GLN A 271 26.29 -5.11 -14.15
CA GLN A 271 27.25 -4.03 -14.41
C GLN A 271 27.56 -3.22 -13.15
N HIS A 272 26.87 -3.50 -12.04
CA HIS A 272 27.03 -2.77 -10.79
C HIS A 272 28.42 -2.94 -10.21
N GLN A 273 28.99 -1.82 -9.70
CA GLN A 273 30.32 -1.76 -9.09
C GLN A 273 30.47 -2.72 -7.93
N PHE A 274 29.38 -3.06 -7.22
CA PHE A 274 29.41 -4.02 -6.12
C PHE A 274 29.92 -5.37 -6.60
N LEU A 275 29.47 -5.84 -7.76
CA LEU A 275 29.93 -7.15 -8.25
C LEU A 275 31.40 -7.19 -8.63
N LYS A 276 32.03 -6.01 -8.80
CA LYS A 276 33.44 -5.92 -9.18
C LYS A 276 34.39 -6.30 -8.04
N ILE A 277 33.87 -6.39 -6.81
CA ILE A 277 34.67 -6.83 -5.64
C ILE A 277 34.47 -8.33 -5.34
N ALA A 278 33.80 -9.08 -6.23
CA ALA A 278 33.55 -10.50 -6.02
C ALA A 278 34.84 -11.27 -5.85
N LYS A 279 34.89 -12.10 -4.79
CA LYS A 279 36.01 -12.97 -4.50
C LYS A 279 35.81 -14.21 -5.36
N PRO A 280 36.85 -15.04 -5.65
CA PRO A 280 36.58 -16.25 -6.45
C PRO A 280 35.60 -17.18 -5.73
N LEU A 281 34.88 -18.02 -6.50
CA LEU A 281 33.88 -18.92 -5.93
C LEU A 281 34.48 -19.92 -4.92
N SER A 282 35.79 -20.20 -5.05
CA SER A 282 36.54 -21.09 -4.14
C SER A 282 36.49 -20.58 -2.71
N SER A 283 36.34 -19.25 -2.51
CA SER A 283 36.23 -18.62 -1.18
C SER A 283 34.98 -19.09 -0.41
N LEU A 284 34.01 -19.70 -1.11
CA LEU A 284 32.79 -20.19 -0.48
C LEU A 284 32.95 -21.60 0.12
N THR A 285 33.92 -22.37 -0.40
CA THR A 285 34.18 -23.76 0.02
C THR A 285 34.26 -23.94 1.57
N PRO A 286 35.01 -23.12 2.36
CA PRO A 286 35.03 -23.33 3.83
C PRO A 286 33.64 -23.12 4.46
N LEU A 287 32.84 -22.17 3.91
CA LEU A 287 31.48 -21.91 4.41
C LEU A 287 30.58 -23.12 4.11
N ILE A 288 30.67 -23.67 2.90
CA ILE A 288 29.90 -24.85 2.50
C ILE A 288 30.22 -26.04 3.41
N ALA A 289 31.52 -26.26 3.66
CA ALA A 289 32.01 -27.34 4.51
C ALA A 289 31.48 -27.21 5.94
N ALA A 290 31.61 -26.00 6.52
CA ALA A 290 31.15 -25.69 7.88
C ALA A 290 29.60 -25.80 7.97
N ALA A 291 28.86 -25.33 6.93
CA ALA A 291 27.40 -25.43 6.91
C ALA A 291 26.93 -26.89 6.79
N LYS A 292 27.68 -27.75 6.08
CA LYS A 292 27.34 -29.16 5.89
C LYS A 292 27.35 -29.91 7.22
N GLU A 293 28.40 -29.70 8.07
CA GLU A 293 28.51 -30.27 9.41
C GLU A 293 28.18 -29.26 10.51
N GLU B 5 27.35 36.91 -7.85
CA GLU B 5 27.13 35.87 -6.85
C GLU B 5 26.18 36.34 -5.74
N GLU B 6 26.39 37.57 -5.23
CA GLU B 6 25.56 38.19 -4.20
C GLU B 6 24.74 39.33 -4.81
N ILE B 7 23.67 39.79 -4.11
CA ILE B 7 22.76 40.86 -4.55
C ILE B 7 22.33 40.67 -6.00
N LEU B 8 21.80 39.46 -6.30
CA LEU B 8 21.34 39.02 -7.61
C LEU B 8 20.01 39.72 -7.97
N GLU B 9 20.09 41.05 -8.17
CA GLU B 9 18.97 41.90 -8.55
C GLU B 9 18.91 42.07 -10.09
N LYS B 10 19.19 40.92 -10.74
CA LYS B 10 18.99 40.60 -12.15
C LYS B 10 17.47 40.39 -12.18
N LEU B 11 16.88 40.04 -11.00
CA LEU B 11 15.46 39.86 -10.76
C LEU B 11 14.71 41.17 -11.01
N ARG B 12 15.25 42.29 -10.50
CA ARG B 12 14.71 43.65 -10.67
C ARG B 12 14.78 44.08 -12.14
N SER B 13 15.76 43.58 -12.89
CA SER B 13 15.91 43.87 -14.32
C SER B 13 14.93 43.07 -15.18
N ILE B 14 14.52 41.87 -14.72
CA ILE B 14 13.61 40.98 -15.45
C ILE B 14 12.15 41.36 -15.20
N VAL B 15 11.78 41.67 -13.94
CA VAL B 15 10.45 42.11 -13.52
C VAL B 15 10.12 43.46 -14.19
N SER B 16 8.85 43.75 -14.40
CA SER B 16 8.48 45.01 -15.04
C SER B 16 8.49 46.19 -14.10
N VAL B 17 8.64 47.39 -14.70
CA VAL B 17 8.61 48.66 -14.00
C VAL B 17 7.15 49.08 -13.88
N GLY B 18 6.84 49.76 -12.80
CA GLY B 18 5.49 50.24 -12.55
C GLY B 18 4.93 49.75 -11.24
N ASP B 19 3.83 50.36 -10.81
CA ASP B 19 3.14 50.03 -9.58
C ASP B 19 1.92 49.16 -9.97
N PRO B 20 1.90 47.84 -9.65
CA PRO B 20 0.75 47.01 -10.02
C PRO B 20 -0.53 47.39 -9.27
N LYS B 21 -0.39 48.13 -8.13
CA LYS B 21 -1.52 48.63 -7.35
C LYS B 21 -2.25 49.72 -8.15
N LYS B 22 -1.52 50.37 -9.09
CA LYS B 22 -2.06 51.42 -9.98
C LYS B 22 -2.42 50.88 -11.37
N LYS B 23 -1.62 49.94 -11.90
CA LYS B 23 -1.78 49.33 -13.23
C LYS B 23 -2.96 48.34 -13.30
N TYR B 24 -3.35 47.79 -12.13
CA TYR B 24 -4.46 46.85 -11.98
C TYR B 24 -5.43 47.38 -10.96
N THR B 25 -6.73 47.10 -11.14
CA THR B 25 -7.79 47.54 -10.25
C THR B 25 -8.84 46.46 -10.07
N ARG B 26 -9.85 46.69 -9.19
CA ARG B 26 -10.95 45.76 -8.90
C ARG B 26 -10.42 44.37 -8.55
N PHE B 27 -9.55 44.33 -7.54
CA PHE B 27 -8.96 43.09 -7.06
C PHE B 27 -10.03 42.32 -6.30
N GLU B 28 -10.14 41.04 -6.62
CA GLU B 28 -11.07 40.12 -5.98
C GLU B 28 -10.30 38.85 -5.65
N LYS B 29 -10.14 38.59 -4.35
CA LYS B 29 -9.40 37.43 -3.86
C LYS B 29 -10.16 36.18 -4.24
N ILE B 30 -9.50 35.30 -4.99
CA ILE B 30 -10.13 34.06 -5.44
C ILE B 30 -9.50 32.83 -4.77
N GLY B 31 -8.34 33.02 -4.14
CA GLY B 31 -7.64 31.98 -3.41
C GLY B 31 -6.56 32.49 -2.48
N GLN B 32 -6.27 31.71 -1.43
CA GLN B 32 -5.22 32.00 -0.45
C GLN B 32 -4.79 30.72 0.26
N GLY B 33 -3.48 30.57 0.41
CA GLY B 33 -2.81 29.45 1.08
C GLY B 33 -1.47 29.88 1.61
N ALA B 34 -0.75 28.96 2.27
CA ALA B 34 0.57 29.26 2.85
C ALA B 34 1.60 29.73 1.80
N SER B 35 1.43 29.34 0.52
CA SER B 35 2.32 29.68 -0.59
C SER B 35 2.07 31.05 -1.23
N GLY B 36 0.84 31.57 -1.10
CA GLY B 36 0.50 32.87 -1.63
C GLY B 36 -0.98 33.18 -1.78
N THR B 37 -1.26 34.32 -2.43
CA THR B 37 -2.62 34.79 -2.68
C THR B 37 -2.87 34.93 -4.18
N VAL B 38 -4.08 34.54 -4.61
CA VAL B 38 -4.53 34.65 -6.00
C VAL B 38 -5.72 35.60 -6.03
N TYR B 39 -5.66 36.57 -6.96
CA TYR B 39 -6.71 37.54 -7.18
C TYR B 39 -7.06 37.56 -8.64
N THR B 40 -8.27 38.01 -8.94
CA THR B 40 -8.63 38.37 -10.29
C THR B 40 -8.54 39.89 -10.24
N ALA B 41 -8.18 40.53 -11.35
CA ALA B 41 -8.09 41.99 -11.40
C ALA B 41 -8.34 42.44 -12.81
N MET B 42 -8.56 43.74 -12.94
CA MET B 42 -8.81 44.43 -14.19
C MET B 42 -7.55 45.17 -14.55
N ASP B 43 -7.02 44.92 -15.76
CA ASP B 43 -5.91 45.67 -16.31
C ASP B 43 -6.52 47.03 -16.67
N VAL B 44 -6.09 48.08 -15.94
CA VAL B 44 -6.58 49.45 -16.12
C VAL B 44 -6.44 49.91 -17.56
N ALA B 45 -5.25 49.71 -18.16
CA ALA B 45 -4.98 50.19 -19.51
C ALA B 45 -5.69 49.45 -20.64
N THR B 46 -5.92 48.12 -20.52
CA THR B 46 -6.51 47.32 -21.59
C THR B 46 -8.01 46.98 -21.42
N GLY B 47 -8.49 46.98 -20.18
CA GLY B 47 -9.87 46.65 -19.89
C GLY B 47 -10.12 45.16 -19.87
N GLN B 48 -9.04 44.37 -19.79
CA GLN B 48 -9.11 42.92 -19.78
C GLN B 48 -8.89 42.38 -18.37
N GLU B 49 -9.65 41.33 -18.03
CA GLU B 49 -9.55 40.64 -16.76
C GLU B 49 -8.32 39.70 -16.77
N VAL B 50 -7.54 39.75 -15.68
CA VAL B 50 -6.30 38.99 -15.49
C VAL B 50 -6.34 38.29 -14.14
N ALA B 51 -5.38 37.37 -13.92
CA ALA B 51 -5.20 36.70 -12.64
C ALA B 51 -3.84 37.13 -12.10
N ILE B 52 -3.75 37.36 -10.78
CA ILE B 52 -2.51 37.83 -10.12
C ILE B 52 -2.16 36.97 -8.91
N LYS B 53 -0.98 36.38 -8.94
CA LYS B 53 -0.46 35.62 -7.82
C LYS B 53 0.50 36.55 -7.06
N GLN B 54 0.35 36.63 -5.73
CA GLN B 54 1.21 37.42 -4.86
C GLN B 54 1.95 36.48 -3.94
N MET B 55 3.29 36.51 -3.97
CA MET B 55 4.12 35.63 -3.15
C MET B 55 5.15 36.40 -2.34
N ASN B 56 5.23 36.13 -1.02
CA ASN B 56 6.18 36.77 -0.09
C ASN B 56 7.54 36.04 -0.13
N LEU B 57 8.43 36.26 0.86
CA LEU B 57 9.71 35.53 0.90
C LEU B 57 10.05 35.01 2.30
N LYS B 63 15.30 32.31 -5.17
CA LYS B 63 16.60 32.94 -5.22
C LYS B 63 16.95 33.29 -6.69
N GLU B 64 17.84 32.49 -7.30
CA GLU B 64 18.30 32.47 -8.68
C GLU B 64 17.34 31.52 -9.45
N LEU B 65 16.63 30.65 -8.70
CA LEU B 65 15.63 29.72 -9.23
C LEU B 65 14.44 30.52 -9.77
N ILE B 66 14.02 31.55 -9.00
CA ILE B 66 12.94 32.49 -9.35
C ILE B 66 13.22 33.11 -10.72
N ILE B 67 14.44 33.62 -10.91
CA ILE B 67 14.88 34.27 -12.16
C ILE B 67 14.68 33.32 -13.37
N ASN B 68 15.17 32.07 -13.28
CA ASN B 68 15.01 31.11 -14.38
C ASN B 68 13.56 30.72 -14.59
N GLU B 69 12.78 30.60 -13.51
CA GLU B 69 11.37 30.26 -13.56
C GLU B 69 10.57 31.34 -14.30
N ILE B 70 10.83 32.63 -14.00
CA ILE B 70 10.16 33.75 -14.67
C ILE B 70 10.53 33.80 -16.16
N LEU B 71 11.84 33.64 -16.46
CA LEU B 71 12.34 33.63 -17.83
C LEU B 71 11.71 32.49 -18.66
N VAL B 72 11.61 31.28 -18.08
CA VAL B 72 10.98 30.12 -18.72
C VAL B 72 9.51 30.40 -19.08
N MET B 73 8.71 30.96 -18.15
CA MET B 73 7.30 31.25 -18.45
C MET B 73 7.12 32.44 -19.38
N ARG B 74 8.05 33.40 -19.37
CA ARG B 74 8.01 34.57 -20.25
C ARG B 74 8.37 34.18 -21.70
N GLU B 75 9.28 33.20 -21.86
CA GLU B 75 9.74 32.75 -23.17
C GLU B 75 8.93 31.59 -23.75
N ASN B 76 8.13 30.89 -22.90
CA ASN B 76 7.36 29.73 -23.34
C ASN B 76 5.88 29.91 -23.07
N LYS B 77 5.12 29.93 -24.17
CA LYS B 77 3.68 30.17 -24.16
C LYS B 77 2.94 29.01 -24.77
N ASN B 78 1.71 28.77 -24.29
CA ASN B 78 0.85 27.75 -24.79
C ASN B 78 -0.61 28.18 -24.69
N PRO B 79 -1.44 27.93 -25.72
CA PRO B 79 -2.84 28.35 -25.64
C PRO B 79 -3.67 27.68 -24.53
N ASN B 80 -3.24 26.50 -24.04
CA ASN B 80 -3.98 25.73 -23.05
C ASN B 80 -3.56 25.97 -21.58
N ILE B 81 -2.77 27.02 -21.34
CA ILE B 81 -2.40 27.46 -20.00
C ILE B 81 -2.74 28.94 -19.89
N VAL B 82 -2.90 29.44 -18.67
CA VAL B 82 -3.03 30.89 -18.42
C VAL B 82 -1.57 31.35 -18.50
N ASN B 83 -1.24 32.04 -19.58
CA ASN B 83 0.13 32.45 -19.84
C ASN B 83 0.57 33.59 -18.97
N TYR B 84 1.89 33.63 -18.71
CA TYR B 84 2.54 34.73 -18.03
C TYR B 84 2.31 36.01 -18.86
N LEU B 85 1.97 37.12 -18.22
CA LEU B 85 1.79 38.39 -18.92
C LEU B 85 2.80 39.41 -18.44
N ASP B 86 3.00 39.49 -17.10
CA ASP B 86 3.88 40.45 -16.43
C ASP B 86 4.25 39.96 -15.03
N SER B 87 5.22 40.65 -14.41
CA SER B 87 5.68 40.42 -13.05
C SER B 87 6.19 41.74 -12.47
N TYR B 88 6.06 41.88 -11.13
CA TYR B 88 6.45 43.08 -10.37
C TYR B 88 7.00 42.65 -9.00
N LEU B 89 7.89 43.47 -8.43
CA LEU B 89 8.42 43.28 -7.08
C LEU B 89 7.89 44.47 -6.26
N VAL B 90 7.02 44.19 -5.29
CA VAL B 90 6.40 45.19 -4.42
C VAL B 90 6.98 44.90 -3.05
N GLY B 91 8.05 45.62 -2.71
CA GLY B 91 8.80 45.42 -1.48
C GLY B 91 9.40 44.03 -1.50
N ASP B 92 8.97 43.18 -0.55
CA ASP B 92 9.44 41.79 -0.45
C ASP B 92 8.59 40.82 -1.28
N GLU B 93 7.42 41.27 -1.76
CA GLU B 93 6.48 40.47 -2.54
C GLU B 93 6.73 40.46 -4.04
N LEU B 94 6.56 39.29 -4.63
CA LEU B 94 6.63 39.06 -6.07
C LEU B 94 5.20 38.83 -6.58
N TRP B 95 4.76 39.67 -7.53
CA TRP B 95 3.43 39.59 -8.13
C TRP B 95 3.57 39.08 -9.56
N VAL B 96 2.83 38.01 -9.93
CA VAL B 96 2.88 37.44 -11.27
C VAL B 96 1.49 37.57 -11.88
N VAL B 97 1.42 38.34 -12.97
CA VAL B 97 0.21 38.58 -13.75
C VAL B 97 0.13 37.50 -14.82
N MET B 98 -1.06 36.93 -14.99
CA MET B 98 -1.30 35.90 -15.98
C MET B 98 -2.70 36.01 -16.58
N GLU B 99 -2.94 35.30 -17.70
CA GLU B 99 -4.26 35.30 -18.35
C GLU B 99 -5.35 34.77 -17.43
N TYR B 100 -6.60 35.00 -17.80
CA TYR B 100 -7.75 34.55 -17.06
C TYR B 100 -8.91 34.36 -18.04
N LEU B 101 -9.76 33.37 -17.76
CA LEU B 101 -10.98 33.09 -18.53
C LEU B 101 -12.13 33.21 -17.53
N ALA B 102 -13.13 34.03 -17.85
CA ALA B 102 -14.24 34.31 -16.93
C ALA B 102 -15.55 33.48 -17.17
N GLY B 103 -15.52 32.52 -18.09
CA GLY B 103 -16.67 31.66 -18.37
C GLY B 103 -17.04 30.74 -17.22
N GLY B 104 -16.06 30.39 -16.41
CA GLY B 104 -16.22 29.54 -15.24
C GLY B 104 -15.13 28.50 -15.15
N SER B 105 -15.29 27.52 -14.26
CA SER B 105 -14.33 26.42 -14.10
C SER B 105 -14.98 25.12 -14.53
N LEU B 106 -14.15 24.09 -14.75
CA LEU B 106 -14.69 22.77 -15.06
C LEU B 106 -15.46 22.22 -13.84
N THR B 107 -15.10 22.65 -12.61
CA THR B 107 -15.82 22.24 -11.39
C THR B 107 -17.30 22.69 -11.48
N ASP B 108 -17.56 23.92 -11.92
CA ASP B 108 -18.92 24.44 -12.07
C ASP B 108 -19.68 23.56 -13.06
N VAL B 109 -19.04 23.22 -14.19
CA VAL B 109 -19.67 22.39 -15.22
C VAL B 109 -20.03 20.99 -14.70
N VAL B 110 -19.06 20.31 -14.05
CA VAL B 110 -19.26 18.93 -13.59
C VAL B 110 -20.23 18.84 -12.39
N THR B 111 -20.30 19.90 -11.55
CA THR B 111 -21.20 19.86 -10.38
C THR B 111 -22.61 20.27 -10.74
N GLU B 112 -22.79 21.03 -11.83
CA GLU B 112 -24.11 21.53 -12.24
C GLU B 112 -24.74 20.84 -13.44
N THR B 113 -23.91 20.41 -14.41
CA THR B 113 -24.41 19.81 -15.65
C THR B 113 -23.89 18.39 -15.85
N CYS B 114 -24.31 17.75 -16.94
CA CYS B 114 -23.88 16.41 -17.33
C CYS B 114 -23.21 16.50 -18.68
N MET B 115 -21.95 16.11 -18.75
CA MET B 115 -21.17 16.12 -19.97
C MET B 115 -21.29 14.78 -20.68
N ASP B 116 -21.28 14.79 -22.01
CA ASP B 116 -21.29 13.55 -22.78
C ASP B 116 -19.84 13.23 -23.13
N GLU B 117 -19.56 12.02 -23.64
CA GLU B 117 -18.19 11.58 -23.96
C GLU B 117 -17.45 12.49 -24.95
N GLY B 118 -18.17 13.07 -25.91
CA GLY B 118 -17.64 14.01 -26.90
C GLY B 118 -17.09 15.27 -26.26
N GLN B 119 -17.79 15.74 -25.23
CA GLN B 119 -17.44 16.94 -24.47
C GLN B 119 -16.27 16.65 -23.53
N ILE B 120 -16.25 15.43 -22.92
CA ILE B 120 -15.17 14.99 -22.01
C ILE B 120 -13.88 14.85 -22.85
N ALA B 121 -13.96 14.19 -24.04
CA ALA B 121 -12.83 14.01 -24.97
C ALA B 121 -12.21 15.33 -25.38
N ALA B 122 -13.04 16.35 -25.69
CA ALA B 122 -12.59 17.71 -26.06
C ALA B 122 -11.75 18.32 -24.91
N VAL B 123 -12.31 18.30 -23.67
CA VAL B 123 -11.65 18.84 -22.48
C VAL B 123 -10.35 18.06 -22.19
N CYS B 124 -10.39 16.72 -22.26
CA CYS B 124 -9.20 15.89 -22.01
C CYS B 124 -8.09 16.24 -22.98
N ARG B 125 -8.42 16.40 -24.27
CA ARG B 125 -7.43 16.74 -25.29
C ARG B 125 -6.73 18.07 -24.97
N GLU B 126 -7.51 19.14 -24.66
CA GLU B 126 -7.03 20.48 -24.31
C GLU B 126 -6.10 20.42 -23.08
N CYS B 127 -6.50 19.69 -22.04
N CYS B 127 -6.51 19.71 -22.02
CA CYS B 127 -5.72 19.49 -20.82
CA CYS B 127 -5.71 19.53 -20.80
C CYS B 127 -4.44 18.72 -21.07
C CYS B 127 -4.42 18.74 -21.08
N LEU B 128 -4.51 17.72 -21.95
CA LEU B 128 -3.34 16.91 -22.32
C LEU B 128 -2.31 17.70 -23.10
N GLN B 129 -2.78 18.68 -23.91
CA GLN B 129 -1.95 19.60 -24.67
C GLN B 129 -1.22 20.55 -23.71
N ALA B 130 -1.92 21.03 -22.66
CA ALA B 130 -1.32 21.86 -21.59
C ALA B 130 -0.24 21.05 -20.84
N LEU B 131 -0.53 19.79 -20.50
CA LEU B 131 0.39 18.89 -19.78
C LEU B 131 1.62 18.58 -20.61
N GLU B 132 1.41 18.24 -21.90
CA GLU B 132 2.49 17.95 -22.84
C GLU B 132 3.44 19.16 -22.90
N PHE B 133 2.89 20.39 -22.99
CA PHE B 133 3.67 21.63 -23.00
C PHE B 133 4.51 21.79 -21.72
N LEU B 134 3.85 21.71 -20.54
CA LEU B 134 4.54 21.86 -19.26
C LEU B 134 5.62 20.81 -19.05
N HIS B 135 5.30 19.52 -19.30
CA HIS B 135 6.25 18.42 -19.12
C HIS B 135 7.46 18.57 -20.04
N SER B 136 7.28 19.17 -21.25
CA SER B 136 8.36 19.40 -22.21
C SER B 136 9.29 20.49 -21.71
N ASN B 137 8.82 21.28 -20.74
CA ASN B 137 9.60 22.35 -20.11
C ASN B 137 10.05 21.92 -18.73
N GLN B 138 9.92 20.60 -18.42
CA GLN B 138 10.29 19.95 -17.15
C GLN B 138 9.48 20.50 -15.97
N VAL B 139 8.23 20.92 -16.26
CA VAL B 139 7.36 21.40 -15.22
C VAL B 139 6.29 20.35 -14.94
N ILE B 140 6.21 19.90 -13.68
CA ILE B 140 5.19 18.97 -13.20
C ILE B 140 4.16 19.82 -12.46
N HIS B 141 2.90 19.67 -12.81
CA HIS B 141 1.83 20.48 -12.25
C HIS B 141 1.53 20.14 -10.79
N ARG B 142 1.34 18.84 -10.49
CA ARG B 142 1.08 18.27 -9.16
C ARG B 142 -0.29 18.65 -8.57
N ASP B 143 -1.13 19.44 -9.32
CA ASP B 143 -2.45 19.80 -8.79
C ASP B 143 -3.54 19.81 -9.89
N ILE B 144 -3.53 18.79 -10.75
CA ILE B 144 -4.54 18.67 -11.80
C ILE B 144 -5.84 18.29 -11.16
N LYS B 145 -6.88 19.09 -11.43
CA LYS B 145 -8.26 18.91 -10.96
C LYS B 145 -9.13 19.92 -11.68
N SER B 146 -10.46 19.65 -11.78
CA SER B 146 -11.44 20.51 -12.47
C SER B 146 -11.38 21.99 -12.07
N ASP B 147 -11.00 22.28 -10.77
CA ASP B 147 -10.88 23.64 -10.16
C ASP B 147 -9.81 24.45 -10.85
N ASN B 148 -8.79 23.76 -11.39
CA ASN B 148 -7.68 24.37 -12.11
C ASN B 148 -7.86 24.40 -13.61
N ILE B 149 -9.05 24.09 -14.09
CA ILE B 149 -9.41 24.19 -15.49
C ILE B 149 -10.37 25.35 -15.64
N LEU B 150 -9.89 26.43 -16.28
CA LEU B 150 -10.72 27.61 -16.54
C LEU B 150 -11.31 27.56 -17.93
N LEU B 151 -12.55 28.02 -18.04
CA LEU B 151 -13.25 27.97 -19.31
C LEU B 151 -13.72 29.32 -19.78
N GLY B 152 -13.59 29.54 -21.07
CA GLY B 152 -14.11 30.74 -21.71
C GLY B 152 -15.52 30.43 -22.17
N MET B 153 -16.35 31.47 -22.43
CA MET B 153 -17.72 31.29 -22.91
C MET B 153 -17.77 30.50 -24.21
N ASP B 154 -16.75 30.66 -25.07
CA ASP B 154 -16.63 29.95 -26.36
C ASP B 154 -16.17 28.47 -26.20
N GLY B 155 -16.00 28.01 -24.96
CA GLY B 155 -15.56 26.65 -24.65
C GLY B 155 -14.05 26.46 -24.58
N SER B 156 -13.28 27.56 -24.73
CA SER B 156 -11.80 27.48 -24.66
C SER B 156 -11.36 27.05 -23.26
N VAL B 157 -10.28 26.25 -23.22
CA VAL B 157 -9.76 25.63 -21.99
C VAL B 157 -8.36 26.11 -21.64
N LYS B 158 -8.17 26.56 -20.39
CA LYS B 158 -6.86 26.96 -19.87
C LYS B 158 -6.64 26.37 -18.50
N LEU B 159 -5.47 25.76 -18.33
CA LEU B 159 -5.03 25.16 -17.10
C LEU B 159 -4.39 26.26 -16.27
N THR B 160 -4.72 26.31 -14.97
CA THR B 160 -4.15 27.25 -13.98
C THR B 160 -3.48 26.45 -12.84
N ASP B 161 -2.74 27.14 -11.97
CA ASP B 161 -2.11 26.54 -10.81
C ASP B 161 -2.33 27.43 -9.61
N PHE B 162 -3.59 27.57 -9.19
CA PHE B 162 -3.95 28.53 -8.13
C PHE B 162 -3.66 28.04 -6.69
N GLY B 163 -3.19 26.80 -6.56
CA GLY B 163 -2.76 26.23 -5.30
C GLY B 163 -1.25 26.29 -5.15
N PHE B 164 -0.54 26.84 -6.17
CA PHE B 164 0.94 27.01 -6.21
C PHE B 164 1.67 25.68 -6.09
N CYS B 165 1.31 24.69 -6.93
CA CYS B 165 1.93 23.36 -6.83
C CYS B 165 2.97 23.07 -7.89
N ALA B 166 2.88 23.70 -9.07
CA ALA B 166 3.78 23.43 -10.19
C ALA B 166 5.22 23.77 -9.86
N GLN B 167 6.12 22.89 -10.27
CA GLN B 167 7.54 23.06 -10.02
C GLN B 167 8.37 22.40 -11.10
N ILE B 168 9.60 22.92 -11.31
CA ILE B 168 10.55 22.34 -12.24
C ILE B 168 11.12 21.03 -11.65
N THR B 169 11.49 20.09 -12.54
CA THR B 169 12.07 18.74 -12.32
C THR B 169 10.97 17.69 -12.26
N THR B 177 7.28 19.07 1.22
CA THR B 177 6.33 18.13 1.83
C THR B 177 5.43 17.41 0.76
N MET B 178 4.16 17.10 1.14
CA MET B 178 3.19 16.39 0.31
C MET B 178 2.28 17.42 -0.36
N VAL B 179 2.38 17.49 -1.69
CA VAL B 179 1.77 18.50 -2.54
C VAL B 179 0.63 17.92 -3.42
N GLY B 180 -0.45 18.72 -3.53
CA GLY B 180 -1.63 18.42 -4.32
C GLY B 180 -2.89 18.55 -3.50
N THR B 181 -3.98 18.00 -4.03
CA THR B 181 -5.30 17.99 -3.41
C THR B 181 -5.63 16.53 -3.22
N PRO B 182 -5.88 16.12 -1.97
CA PRO B 182 -5.97 14.67 -1.66
C PRO B 182 -6.70 13.75 -2.64
N TYR B 183 -7.97 14.04 -3.03
CA TYR B 183 -8.77 13.19 -3.91
C TYR B 183 -8.16 12.92 -5.28
N TRP B 184 -7.35 13.85 -5.77
CA TRP B 184 -6.75 13.75 -7.09
C TRP B 184 -5.34 13.23 -7.06
N MET B 185 -4.77 12.97 -5.86
CA MET B 185 -3.37 12.52 -5.72
C MET B 185 -3.12 11.08 -6.18
N ALA B 186 -1.99 10.88 -6.90
CA ALA B 186 -1.57 9.56 -7.38
C ALA B 186 -1.10 8.70 -6.19
N PRO B 187 -1.30 7.35 -6.19
CA PRO B 187 -0.84 6.53 -5.01
C PRO B 187 0.65 6.61 -4.64
N GLU B 188 1.57 6.75 -5.65
CA GLU B 188 3.03 6.87 -5.41
C GLU B 188 3.34 8.24 -4.74
N VAL B 189 2.48 9.25 -4.95
CA VAL B 189 2.62 10.55 -4.29
C VAL B 189 2.25 10.36 -2.79
N VAL B 190 1.07 9.78 -2.52
CA VAL B 190 0.52 9.52 -1.19
C VAL B 190 1.43 8.66 -0.34
N THR B 191 2.00 7.60 -0.92
CA THR B 191 2.82 6.68 -0.15
C THR B 191 4.30 7.05 -0.07
N ARG B 192 4.89 7.61 -1.15
CA ARG B 192 6.32 7.91 -1.08
C ARG B 192 6.74 9.22 -1.76
N LYS B 193 5.81 10.14 -2.01
CA LYS B 193 6.10 11.45 -2.63
C LYS B 193 6.89 11.35 -3.97
N ALA B 194 6.58 10.30 -4.77
CA ALA B 194 7.28 10.09 -6.01
C ALA B 194 6.64 10.95 -7.13
N TYR B 195 7.07 12.23 -7.19
CA TYR B 195 6.58 13.20 -8.17
C TYR B 195 7.25 12.99 -9.49
N GLY B 196 6.47 13.18 -10.54
CA GLY B 196 6.93 13.03 -11.90
C GLY B 196 5.80 13.38 -12.84
N PRO B 197 6.06 13.46 -14.15
CA PRO B 197 4.97 13.84 -15.07
C PRO B 197 3.73 12.96 -14.97
N LYS B 198 3.90 11.65 -14.63
CA LYS B 198 2.80 10.70 -14.56
C LYS B 198 1.79 10.99 -13.46
N VAL B 199 2.15 11.83 -12.46
CA VAL B 199 1.22 12.20 -11.38
C VAL B 199 0.09 13.06 -11.97
N ASP B 200 0.43 13.88 -12.98
CA ASP B 200 -0.54 14.75 -13.68
C ASP B 200 -1.49 13.92 -14.55
N ILE B 201 -0.97 12.84 -15.12
CA ILE B 201 -1.77 11.92 -15.93
C ILE B 201 -2.80 11.23 -15.04
N TRP B 202 -2.37 10.76 -13.83
CA TRP B 202 -3.26 10.15 -12.86
C TRP B 202 -4.36 11.13 -12.53
N SER B 203 -3.99 12.35 -12.12
CA SER B 203 -4.95 13.40 -11.76
C SER B 203 -5.90 13.75 -12.88
N LEU B 204 -5.43 13.72 -14.17
CA LEU B 204 -6.33 13.92 -15.32
C LEU B 204 -7.37 12.77 -15.37
N GLY B 205 -6.94 11.54 -15.05
CA GLY B 205 -7.84 10.39 -14.99
C GLY B 205 -8.93 10.59 -13.94
N ILE B 206 -8.56 11.17 -12.78
CA ILE B 206 -9.49 11.50 -11.70
C ILE B 206 -10.44 12.62 -12.15
N MET B 207 -9.93 13.60 -12.89
CA MET B 207 -10.74 14.70 -13.44
C MET B 207 -11.71 14.15 -14.51
N ALA B 208 -11.28 13.16 -15.29
CA ALA B 208 -12.14 12.49 -16.26
C ALA B 208 -13.28 11.77 -15.50
N ILE B 209 -13.01 11.20 -14.31
CA ILE B 209 -14.05 10.58 -13.46
C ILE B 209 -15.03 11.67 -12.96
N GLU B 210 -14.50 12.85 -12.57
CA GLU B 210 -15.33 14.01 -12.18
C GLU B 210 -16.32 14.34 -13.30
N MET B 211 -15.89 14.25 -14.57
CA MET B 211 -16.71 14.59 -15.73
C MET B 211 -17.81 13.55 -16.02
N ILE B 212 -17.64 12.29 -15.57
CA ILE B 212 -18.62 11.19 -15.75
C ILE B 212 -19.61 11.22 -14.58
N GLU B 213 -19.05 11.28 -13.35
CA GLU B 213 -19.78 11.12 -12.09
C GLU B 213 -20.13 12.38 -11.33
N GLY B 214 -19.43 13.47 -11.62
CA GLY B 214 -19.63 14.76 -10.99
C GLY B 214 -18.64 15.06 -9.88
N GLU B 215 -17.98 14.01 -9.36
CA GLU B 215 -17.08 14.06 -8.21
C GLU B 215 -15.89 13.15 -8.38
N PRO B 216 -14.72 13.47 -7.74
CA PRO B 216 -13.61 12.52 -7.78
C PRO B 216 -14.00 11.36 -6.84
N PRO B 217 -13.36 10.19 -6.94
CA PRO B 217 -13.72 9.13 -5.97
C PRO B 217 -13.51 9.62 -4.53
N TYR B 218 -14.38 9.14 -3.60
CA TYR B 218 -14.32 9.35 -2.14
C TYR B 218 -14.57 10.76 -1.64
N LEU B 219 -15.17 11.68 -2.46
CA LEU B 219 -15.50 13.06 -2.06
C LEU B 219 -16.41 13.14 -0.83
N ASN B 220 -17.14 12.06 -0.51
CA ASN B 220 -17.99 11.98 0.69
C ASN B 220 -17.11 11.87 1.97
N GLU B 221 -15.86 11.39 1.84
CA GLU B 221 -14.94 11.25 2.97
C GLU B 221 -14.17 12.54 3.20
N ASN B 222 -13.56 12.69 4.39
CA ASN B 222 -12.65 13.77 4.79
C ASN B 222 -11.45 13.65 3.84
N PRO B 223 -10.70 14.74 3.55
CA PRO B 223 -9.53 14.61 2.66
C PRO B 223 -8.40 13.67 3.15
N LEU B 224 -8.24 13.48 4.46
CA LEU B 224 -7.21 12.58 5.01
C LEU B 224 -7.63 11.13 4.89
N ARG B 225 -8.92 10.81 5.16
CA ARG B 225 -9.43 9.45 4.99
C ARG B 225 -9.28 9.07 3.50
N ALA B 226 -9.46 10.04 2.58
CA ALA B 226 -9.29 9.87 1.14
C ALA B 226 -7.89 9.44 0.78
N LEU B 227 -6.86 9.99 1.47
CA LEU B 227 -5.46 9.60 1.30
C LEU B 227 -5.27 8.12 1.57
N TYR B 228 -5.85 7.60 2.69
CA TYR B 228 -5.80 6.17 3.06
C TYR B 228 -6.55 5.35 2.04
N LEU B 229 -7.65 5.85 1.47
CA LEU B 229 -8.39 5.09 0.46
C LEU B 229 -7.63 5.00 -0.85
N ILE B 230 -6.93 6.09 -1.24
CA ILE B 230 -6.10 6.11 -2.46
C ILE B 230 -4.93 5.15 -2.28
N ALA B 231 -4.22 5.25 -1.12
CA ALA B 231 -3.06 4.39 -0.82
C ALA B 231 -3.41 2.91 -0.78
N THR B 232 -4.65 2.55 -0.34
CA THR B 232 -5.06 1.16 -0.23
C THR B 232 -5.76 0.65 -1.49
N ASN B 233 -6.70 1.41 -2.10
CA ASN B 233 -7.42 0.94 -3.29
C ASN B 233 -6.59 1.04 -4.55
N GLY B 234 -5.72 2.04 -4.64
CA GLY B 234 -4.95 2.28 -5.85
C GLY B 234 -5.92 2.73 -6.93
N THR B 235 -5.92 2.06 -8.10
CA THR B 235 -6.80 2.40 -9.21
C THR B 235 -8.23 2.41 -8.72
N PRO B 236 -8.90 3.58 -8.79
CA PRO B 236 -10.28 3.64 -8.29
C PRO B 236 -11.30 2.94 -9.20
N GLU B 237 -12.43 2.55 -8.62
CA GLU B 237 -13.53 1.95 -9.38
C GLU B 237 -14.62 2.95 -9.77
N LEU B 238 -15.18 2.75 -10.98
CA LEU B 238 -16.28 3.55 -11.49
C LEU B 238 -17.55 2.93 -10.98
N GLN B 239 -18.56 3.76 -10.71
CA GLN B 239 -19.84 3.27 -10.24
C GLN B 239 -20.57 2.45 -11.32
N ASN B 240 -20.62 2.98 -12.56
CA ASN B 240 -21.31 2.35 -13.68
C ASN B 240 -20.42 2.29 -14.93
N PRO B 241 -19.35 1.47 -14.93
CA PRO B 241 -18.45 1.42 -16.11
C PRO B 241 -19.10 0.96 -17.40
N GLU B 242 -20.11 0.07 -17.30
CA GLU B 242 -20.86 -0.46 -18.44
C GLU B 242 -21.57 0.62 -19.28
N LYS B 243 -21.82 1.81 -18.70
CA LYS B 243 -22.46 2.96 -19.37
C LYS B 243 -21.45 3.74 -20.23
N LEU B 244 -20.13 3.45 -20.09
CA LEU B 244 -19.04 4.09 -20.84
C LEU B 244 -18.60 3.24 -22.02
N SER B 245 -18.20 3.89 -23.14
CA SER B 245 -17.70 3.21 -24.33
C SER B 245 -16.39 2.49 -23.98
N ALA B 246 -16.04 1.45 -24.75
CA ALA B 246 -14.82 0.66 -24.54
C ALA B 246 -13.57 1.56 -24.70
N ILE B 247 -13.64 2.52 -25.65
CA ILE B 247 -12.57 3.46 -25.94
C ILE B 247 -12.31 4.45 -24.77
N PHE B 248 -13.38 4.95 -24.13
CA PHE B 248 -13.26 5.82 -22.97
C PHE B 248 -12.71 5.02 -21.78
N ARG B 249 -13.20 3.79 -21.59
CA ARG B 249 -12.72 2.94 -20.50
C ARG B 249 -11.23 2.62 -20.67
N ASP B 250 -10.77 2.40 -21.92
CA ASP B 250 -9.37 2.15 -22.21
C ASP B 250 -8.52 3.40 -21.86
N PHE B 251 -9.02 4.60 -22.23
CA PHE B 251 -8.36 5.88 -21.94
C PHE B 251 -8.19 6.06 -20.43
N LEU B 252 -9.26 5.78 -19.66
CA LEU B 252 -9.23 5.86 -18.19
C LEU B 252 -8.24 4.87 -17.57
N ASN B 253 -8.19 3.61 -18.08
CA ASN B 253 -7.25 2.61 -17.59
C ASN B 253 -5.81 3.08 -17.79
N ARG B 254 -5.54 3.74 -18.92
CA ARG B 254 -4.21 4.25 -19.25
C ARG B 254 -3.83 5.43 -18.36
N CYS B 255 -4.80 6.25 -17.94
CA CYS B 255 -4.53 7.36 -17.03
C CYS B 255 -4.32 6.87 -15.62
N LEU B 256 -5.05 5.81 -15.22
CA LEU B 256 -5.05 5.34 -13.82
C LEU B 256 -4.32 4.03 -13.59
N GLU B 257 -3.29 3.69 -14.39
CA GLU B 257 -2.42 2.50 -14.18
C GLU B 257 -1.65 2.71 -12.88
N MET B 258 -1.51 1.67 -12.04
CA MET B 258 -0.73 1.75 -10.79
C MET B 258 0.74 1.81 -11.13
N ASP B 259 1.12 1.09 -12.19
CA ASP B 259 2.47 1.02 -12.68
C ASP B 259 2.75 2.32 -13.40
N VAL B 260 3.63 3.14 -12.80
CA VAL B 260 4.05 4.45 -13.27
C VAL B 260 4.54 4.38 -14.73
N GLU B 261 5.36 3.37 -15.07
CA GLU B 261 5.92 3.17 -16.41
C GLU B 261 4.84 2.87 -17.44
N LYS B 262 3.88 2.01 -17.09
CA LYS B 262 2.74 1.64 -17.94
C LYS B 262 1.75 2.78 -18.13
N ARG B 263 1.64 3.67 -17.13
CA ARG B 263 0.73 4.83 -17.20
C ARG B 263 1.13 5.69 -18.41
N GLY B 264 0.15 6.10 -19.23
CA GLY B 264 0.44 6.86 -20.45
C GLY B 264 1.02 8.24 -20.18
N SER B 265 1.90 8.71 -21.06
CA SER B 265 2.42 10.07 -20.95
C SER B 265 1.39 10.95 -21.68
N ALA B 266 1.46 12.29 -21.52
CA ALA B 266 0.57 13.23 -22.21
C ALA B 266 0.72 13.09 -23.74
N LYS B 267 1.96 12.99 -24.24
CA LYS B 267 2.26 12.80 -25.66
C LYS B 267 1.58 11.53 -26.20
N GLU B 268 1.73 10.37 -25.50
CA GLU B 268 1.12 9.10 -25.91
C GLU B 268 -0.40 9.18 -25.89
N LEU B 269 -0.97 9.78 -24.82
CA LEU B 269 -2.41 9.87 -24.65
C LEU B 269 -3.07 10.83 -25.64
N LEU B 270 -2.31 11.79 -26.17
CA LEU B 270 -2.85 12.68 -27.21
C LEU B 270 -3.14 11.92 -28.54
N GLN B 271 -2.58 10.71 -28.66
CA GLN B 271 -2.75 9.83 -29.80
C GLN B 271 -3.90 8.82 -29.60
N HIS B 272 -4.49 8.78 -28.38
CA HIS B 272 -5.57 7.86 -28.04
C HIS B 272 -6.83 8.08 -28.87
N GLN B 273 -7.47 6.98 -29.30
CA GLN B 273 -8.68 6.98 -30.12
C GLN B 273 -9.89 7.66 -29.43
N PHE B 274 -9.89 7.69 -28.08
CA PHE B 274 -10.95 8.35 -27.33
C PHE B 274 -11.04 9.83 -27.69
N LEU B 275 -9.89 10.49 -27.94
CA LEU B 275 -9.89 11.91 -28.30
C LEU B 275 -10.44 12.15 -29.68
N LYS B 276 -10.32 11.15 -30.58
CA LYS B 276 -10.82 11.20 -31.97
C LYS B 276 -12.35 11.46 -32.02
N ILE B 277 -13.06 11.26 -30.88
CA ILE B 277 -14.49 11.49 -30.81
C ILE B 277 -14.83 12.86 -30.20
N ALA B 278 -13.82 13.73 -30.01
CA ALA B 278 -14.03 15.06 -29.45
C ALA B 278 -14.98 15.90 -30.30
N LYS B 279 -15.97 16.48 -29.63
CA LYS B 279 -16.92 17.39 -30.24
C LYS B 279 -16.24 18.76 -30.24
N PRO B 280 -16.66 19.76 -31.07
CA PRO B 280 -15.99 21.06 -30.99
C PRO B 280 -16.16 21.70 -29.61
N LEU B 281 -15.24 22.59 -29.22
CA LEU B 281 -15.28 23.27 -27.93
C LEU B 281 -16.56 24.10 -27.73
N SER B 282 -17.19 24.55 -28.84
CA SER B 282 -18.45 25.31 -28.84
C SER B 282 -19.59 24.50 -28.18
N SER B 283 -19.50 23.15 -28.20
CA SER B 283 -20.47 22.25 -27.56
C SER B 283 -20.49 22.41 -26.03
N LEU B 284 -19.47 23.04 -25.45
CA LEU B 284 -19.38 23.27 -24.01
C LEU B 284 -20.14 24.53 -23.57
N THR B 285 -20.30 25.50 -24.48
CA THR B 285 -20.96 26.79 -24.23
C THR B 285 -22.34 26.66 -23.48
N PRO B 286 -23.30 25.78 -23.89
CA PRO B 286 -24.56 25.68 -23.11
C PRO B 286 -24.32 25.19 -21.66
N LEU B 287 -23.34 24.28 -21.47
CA LEU B 287 -22.99 23.77 -20.14
C LEU B 287 -22.39 24.89 -19.28
N ILE B 288 -21.49 25.70 -19.88
CA ILE B 288 -20.83 26.85 -19.21
C ILE B 288 -21.91 27.89 -18.77
N ALA B 289 -22.88 28.16 -19.66
CA ALA B 289 -23.98 29.08 -19.39
C ALA B 289 -24.90 28.57 -18.24
N ALA B 290 -25.27 27.27 -18.25
CA ALA B 290 -26.15 26.68 -17.23
C ALA B 290 -25.46 26.56 -15.85
N ALA B 291 -24.16 26.31 -15.84
CA ALA B 291 -23.37 26.13 -14.62
C ALA B 291 -23.16 27.41 -13.84
N LYS B 292 -22.93 28.53 -14.56
CA LYS B 292 -22.65 29.84 -13.99
C LYS B 292 -23.73 30.29 -13.01
N GLU B 293 -23.29 30.68 -11.79
CA GLU B 293 -24.14 31.14 -10.69
C GLU B 293 -23.97 32.63 -10.46
N GLU C 5 -28.47 41.30 12.59
CA GLU C 5 -27.01 41.27 12.50
C GLU C 5 -26.36 42.56 13.00
N GLU C 6 -27.10 43.70 12.98
CA GLU C 6 -26.64 45.01 13.45
C GLU C 6 -26.33 44.92 14.96
N ILE C 7 -27.24 44.28 15.72
CA ILE C 7 -27.15 43.99 17.16
C ILE C 7 -25.85 43.20 17.44
N LEU C 8 -25.54 42.20 16.57
CA LEU C 8 -24.35 41.34 16.66
C LEU C 8 -23.05 42.14 16.61
N GLU C 9 -23.07 43.38 16.10
CA GLU C 9 -21.92 44.29 16.16
C GLU C 9 -21.77 44.87 17.60
N LYS C 10 -21.95 43.96 18.59
CA LYS C 10 -21.73 44.06 20.03
C LYS C 10 -20.27 43.61 20.17
N LEU C 11 -19.70 43.16 19.02
CA LEU C 11 -18.32 42.78 18.79
C LEU C 11 -17.50 44.06 18.82
N ARG C 12 -18.10 45.18 18.35
CA ARG C 12 -17.54 46.53 18.30
C ARG C 12 -17.30 47.07 19.74
N SER C 13 -18.17 46.66 20.68
CA SER C 13 -18.08 47.01 22.10
C SER C 13 -16.96 46.22 22.82
N ILE C 14 -16.64 45.00 22.36
CA ILE C 14 -15.61 44.16 22.96
C ILE C 14 -14.20 44.53 22.43
N VAL C 15 -14.10 44.74 21.11
CA VAL C 15 -12.84 45.11 20.45
C VAL C 15 -12.43 46.53 20.85
N SER C 16 -11.15 46.88 20.71
CA SER C 16 -10.69 48.24 21.03
C SER C 16 -10.98 49.18 19.87
N VAL C 17 -11.09 50.48 20.15
CA VAL C 17 -11.34 51.48 19.12
C VAL C 17 -10.01 51.82 18.43
N GLY C 18 -10.09 52.07 17.13
CA GLY C 18 -8.92 52.45 16.36
C GLY C 18 -8.54 51.56 15.20
N ASP C 19 -7.60 52.09 14.43
CA ASP C 19 -7.03 51.48 13.23
C ASP C 19 -5.66 50.92 13.62
N PRO C 20 -5.52 49.56 13.65
CA PRO C 20 -4.22 48.97 14.02
C PRO C 20 -3.10 49.28 13.02
N LYS C 21 -3.46 49.64 11.78
CA LYS C 21 -2.50 50.05 10.74
C LYS C 21 -1.85 51.40 11.13
N LYS C 22 -2.55 52.19 11.99
CA LYS C 22 -2.09 53.48 12.51
C LYS C 22 -1.47 53.36 13.94
N LYS C 23 -2.04 52.46 14.78
CA LYS C 23 -1.61 52.21 16.17
C LYS C 23 -0.32 51.38 16.30
N TYR C 24 0.01 50.65 15.24
CA TYR C 24 1.20 49.79 15.14
C TYR C 24 1.97 50.20 13.90
N THR C 25 3.28 49.93 13.90
CA THR C 25 4.18 50.30 12.80
C THR C 25 5.14 49.15 12.48
N ARG C 26 5.92 49.29 11.39
CA ARG C 26 6.91 48.32 10.91
C ARG C 26 6.30 46.92 10.76
N PHE C 27 5.22 46.83 9.98
CA PHE C 27 4.53 45.57 9.70
C PHE C 27 5.38 44.74 8.76
N GLU C 28 5.53 43.47 9.11
CA GLU C 28 6.29 42.51 8.32
C GLU C 28 5.48 41.23 8.29
N LYS C 29 5.00 40.84 7.08
CA LYS C 29 4.22 39.62 6.89
C LYS C 29 5.08 38.40 7.21
N ILE C 30 4.62 37.60 8.15
CA ILE C 30 5.37 36.40 8.58
C ILE C 30 4.67 35.11 8.20
N GLY C 31 3.39 35.21 7.87
CA GLY C 31 2.59 34.06 7.52
C GLY C 31 1.27 34.37 6.87
N GLN C 32 0.72 33.35 6.22
CA GLN C 32 -0.57 33.38 5.55
C GLN C 32 -1.11 31.95 5.42
N GLY C 33 -2.42 31.84 5.49
CA GLY C 33 -3.17 30.61 5.36
C GLY C 33 -4.47 30.98 4.66
N ALA C 34 -5.40 30.02 4.46
CA ALA C 34 -6.67 30.36 3.80
C ALA C 34 -7.55 31.28 4.65
N SER C 35 -7.39 31.23 5.98
CA SER C 35 -8.17 31.98 6.97
C SER C 35 -7.69 33.40 7.22
N GLY C 36 -6.44 33.73 6.93
CA GLY C 36 -5.94 35.08 7.13
C GLY C 36 -4.45 35.28 7.07
N THR C 37 -4.00 36.48 7.48
CA THR C 37 -2.58 36.88 7.45
C THR C 37 -2.02 37.17 8.85
N VAL C 38 -0.76 36.78 9.07
CA VAL C 38 -0.01 37.05 10.29
C VAL C 38 1.15 37.99 9.99
N TYR C 39 1.28 39.05 10.80
CA TYR C 39 2.35 40.04 10.70
C TYR C 39 3.05 40.17 12.02
N THR C 40 4.28 40.67 12.00
CA THR C 40 4.94 41.11 13.22
C THR C 40 4.85 42.61 13.09
N ALA C 41 4.74 43.33 14.21
CA ALA C 41 4.67 44.79 14.20
C ALA C 41 5.23 45.34 15.52
N MET C 42 5.48 46.64 15.52
CA MET C 42 5.99 47.41 16.66
C MET C 42 4.82 48.24 17.23
N ASP C 43 4.59 48.14 18.56
CA ASP C 43 3.49 48.79 19.30
C ASP C 43 3.45 50.34 19.27
N VAL C 44 4.62 51.01 19.12
CA VAL C 44 4.77 52.49 19.14
C VAL C 44 4.47 53.04 20.56
N ALA C 45 4.67 52.16 21.59
CA ALA C 45 4.47 52.42 23.01
C ALA C 45 5.29 51.43 23.86
N GLN C 48 6.70 47.02 22.60
CA GLN C 48 7.54 45.93 22.09
C GLN C 48 6.98 45.33 20.78
N GLU C 49 7.63 44.24 20.30
CA GLU C 49 7.25 43.50 19.10
C GLU C 49 6.09 42.57 19.44
N VAL C 50 5.07 42.62 18.60
CA VAL C 50 3.84 41.88 18.74
C VAL C 50 3.53 41.16 17.43
N ALA C 51 2.63 40.18 17.48
CA ALA C 51 2.14 39.47 16.31
C ALA C 51 0.70 39.95 16.10
N ILE C 52 0.31 40.16 14.84
CA ILE C 52 -1.04 40.63 14.50
C ILE C 52 -1.65 39.76 13.42
N LYS C 53 -2.82 39.19 13.71
CA LYS C 53 -3.59 38.38 12.79
C LYS C 53 -4.67 39.26 12.19
N GLN C 54 -4.79 39.25 10.85
CA GLN C 54 -5.78 40.00 10.08
C GLN C 54 -6.72 38.98 9.42
N MET C 55 -8.02 39.08 9.71
CA MET C 55 -9.02 38.15 9.19
C MET C 55 -10.21 38.88 8.62
N ASN C 56 -10.69 38.45 7.43
CA ASN C 56 -11.89 38.99 6.80
C ASN C 56 -13.09 38.27 7.43
N LEU C 57 -14.15 39.02 7.76
CA LEU C 57 -15.35 38.49 8.42
C LEU C 57 -16.08 37.45 7.56
N GLN C 58 -16.14 37.67 6.24
CA GLN C 58 -16.77 36.78 5.26
C GLN C 58 -15.80 35.69 4.80
N LYS C 62 -21.97 32.92 13.37
CA LYS C 62 -20.53 33.12 13.23
C LYS C 62 -19.99 34.30 14.05
N LYS C 63 -20.65 35.48 14.02
CA LYS C 63 -20.21 36.67 14.75
C LYS C 63 -20.31 36.50 16.27
N GLU C 64 -21.35 35.78 16.75
CA GLU C 64 -21.56 35.48 18.18
C GLU C 64 -20.42 34.58 18.71
N LEU C 65 -19.90 33.68 17.83
CA LEU C 65 -18.79 32.77 18.13
C LEU C 65 -17.49 33.60 18.34
N ILE C 66 -17.18 34.54 17.40
CA ILE C 66 -16.04 35.48 17.42
C ILE C 66 -16.02 36.25 18.76
N ILE C 67 -17.21 36.70 19.22
CA ILE C 67 -17.39 37.44 20.47
C ILE C 67 -16.91 36.61 21.69
N ASN C 68 -17.40 35.37 21.85
CA ASN C 68 -17.00 34.50 22.97
C ASN C 68 -15.53 34.09 22.89
N GLU C 69 -15.00 33.89 21.65
CA GLU C 69 -13.61 33.50 21.43
C GLU C 69 -12.64 34.59 21.89
N ILE C 70 -12.98 35.85 21.62
CA ILE C 70 -12.17 37.00 22.05
C ILE C 70 -12.22 37.13 23.57
N LEU C 71 -13.43 37.02 24.16
CA LEU C 71 -13.61 37.10 25.61
C LEU C 71 -12.81 36.03 26.34
N VAL C 72 -12.84 34.78 25.84
CA VAL C 72 -12.09 33.67 26.42
C VAL C 72 -10.58 33.94 26.42
N MET C 73 -10.00 34.40 25.29
CA MET C 73 -8.56 34.67 25.23
C MET C 73 -8.16 35.92 26.00
N ARG C 74 -9.08 36.91 26.15
CA ARG C 74 -8.81 38.13 26.90
C ARG C 74 -8.83 37.86 28.42
N GLU C 75 -9.69 36.93 28.85
CA GLU C 75 -9.86 36.58 30.27
C GLU C 75 -8.92 35.45 30.73
N ASN C 76 -8.33 34.70 29.79
CA ASN C 76 -7.47 33.54 30.11
C ASN C 76 -6.10 33.65 29.51
N LYS C 77 -5.10 33.72 30.37
CA LYS C 77 -3.68 33.90 30.02
C LYS C 77 -2.81 32.78 30.52
N ASN C 78 -1.74 32.49 29.77
CA ASN C 78 -0.78 31.45 30.12
C ASN C 78 0.60 31.82 29.60
N PRO C 79 1.66 31.63 30.39
CA PRO C 79 3.02 31.95 29.92
C PRO C 79 3.51 31.16 28.71
N ASN C 80 2.93 29.97 28.44
CA ASN C 80 3.39 29.10 27.35
C ASN C 80 2.62 29.24 26.03
N ILE C 81 1.82 30.30 25.90
CA ILE C 81 1.12 30.65 24.66
C ILE C 81 1.44 32.11 24.37
N VAL C 82 1.29 32.51 23.10
CA VAL C 82 1.37 33.94 22.74
C VAL C 82 -0.02 34.45 23.15
N ASN C 83 -0.07 35.23 24.23
CA ASN C 83 -1.34 35.72 24.76
C ASN C 83 -1.95 36.84 23.95
N TYR C 84 -3.28 36.96 24.04
CA TYR C 84 -4.05 38.05 23.45
C TYR C 84 -3.64 39.35 24.13
N LEU C 85 -3.42 40.42 23.33
CA LEU C 85 -3.08 41.73 23.85
C LEU C 85 -4.18 42.76 23.57
N ASP C 86 -4.71 42.76 22.33
CA ASP C 86 -5.74 43.67 21.85
C ASP C 86 -6.46 43.09 20.62
N SER C 87 -7.56 43.74 20.21
CA SER C 87 -8.32 43.42 19.00
C SER C 87 -8.95 44.69 18.42
N TYR C 88 -9.16 44.71 17.08
CA TYR C 88 -9.69 45.85 16.32
C TYR C 88 -10.58 45.40 15.17
N LEU C 89 -11.56 46.22 14.76
CA LEU C 89 -12.43 45.93 13.62
C LEU C 89 -12.41 47.11 12.64
N VAL C 90 -12.19 46.81 11.32
CA VAL C 90 -12.15 47.79 10.23
C VAL C 90 -13.54 48.13 9.68
N GLU C 93 -12.71 43.37 8.36
CA GLU C 93 -11.35 42.98 8.79
C GLU C 93 -11.11 43.07 10.31
N LEU C 94 -11.11 41.91 10.98
CA LEU C 94 -10.83 41.74 12.41
C LEU C 94 -9.33 41.55 12.60
N TRP C 95 -8.72 42.39 13.44
CA TRP C 95 -7.30 42.28 13.76
C TRP C 95 -7.12 41.86 15.20
N VAL C 96 -6.29 40.85 15.43
CA VAL C 96 -6.02 40.37 16.79
C VAL C 96 -4.52 40.55 17.07
N VAL C 97 -4.19 41.32 18.12
CA VAL C 97 -2.82 41.58 18.54
C VAL C 97 -2.45 40.57 19.63
N MET C 98 -1.30 39.93 19.51
CA MET C 98 -0.85 38.95 20.49
C MET C 98 0.66 39.07 20.78
N GLU C 99 1.15 38.35 21.80
CA GLU C 99 2.59 38.34 22.12
C GLU C 99 3.40 37.72 20.98
N TYR C 100 4.71 37.91 21.04
CA TYR C 100 5.63 37.39 20.05
C TYR C 100 6.98 37.14 20.69
N LEU C 101 7.68 36.09 20.23
CA LEU C 101 9.04 35.73 20.68
C LEU C 101 9.90 35.77 19.42
N ALA C 102 10.99 36.55 19.45
CA ALA C 102 11.84 36.76 18.28
C ALA C 102 13.10 35.87 18.20
N GLY C 103 13.26 34.93 19.12
CA GLY C 103 14.40 34.01 19.11
C GLY C 103 14.42 33.04 17.95
N GLY C 104 13.24 32.72 17.41
CA GLY C 104 13.08 31.80 16.30
C GLY C 104 12.01 30.76 16.55
N SER C 105 11.89 29.76 15.66
CA SER C 105 10.90 28.68 15.82
C SER C 105 11.60 27.36 16.14
N LEU C 106 10.86 26.36 16.63
CA LEU C 106 11.43 25.03 16.86
C LEU C 106 11.89 24.41 15.53
N THR C 107 11.23 24.77 14.40
CA THR C 107 11.63 24.29 13.06
C THR C 107 13.09 24.69 12.78
N ASP C 108 13.46 25.94 13.07
CA ASP C 108 14.81 26.45 12.87
C ASP C 108 15.79 25.62 13.70
N VAL C 109 15.44 25.33 14.97
CA VAL C 109 16.30 24.56 15.85
C VAL C 109 16.51 23.13 15.34
N VAL C 110 15.43 22.43 14.96
CA VAL C 110 15.51 21.02 14.53
C VAL C 110 16.18 20.89 13.14
N THR C 111 16.06 21.90 12.25
CA THR C 111 16.67 21.81 10.92
C THR C 111 18.14 22.25 10.92
N GLU C 112 18.54 23.06 11.90
CA GLU C 112 19.92 23.58 11.98
C GLU C 112 20.81 22.92 13.03
N THR C 113 20.23 22.48 14.17
CA THR C 113 20.99 21.91 15.29
C THR C 113 20.53 20.48 15.63
N CYS C 114 21.18 19.84 16.60
CA CYS C 114 20.83 18.50 17.09
C CYS C 114 20.50 18.66 18.57
N MET C 115 19.32 18.20 18.96
CA MET C 115 18.87 18.28 20.36
C MET C 115 19.14 16.97 21.07
N ASP C 116 19.41 17.04 22.38
CA ASP C 116 19.58 15.82 23.18
C ASP C 116 18.25 15.59 23.93
N GLU C 117 18.10 14.44 24.61
CA GLU C 117 16.87 14.05 25.33
C GLU C 117 16.37 15.08 26.32
N GLY C 118 17.29 15.66 27.08
CA GLY C 118 16.96 16.65 28.09
C GLY C 118 16.37 17.92 27.52
N GLN C 119 16.84 18.30 26.32
CA GLN C 119 16.40 19.48 25.59
C GLN C 119 15.06 19.24 24.94
N ILE C 120 14.83 18.00 24.44
CA ILE C 120 13.53 17.60 23.86
C ILE C 120 12.49 17.62 25.01
N ALA C 121 12.90 17.14 26.20
CA ALA C 121 12.03 17.09 27.39
C ALA C 121 11.67 18.48 27.89
N ALA C 122 12.65 19.41 27.83
CA ALA C 122 12.45 20.80 28.22
C ALA C 122 11.35 21.46 27.34
N VAL C 123 11.41 21.23 26.03
CA VAL C 123 10.47 21.75 25.03
C VAL C 123 9.11 21.06 25.19
N CYS C 124 9.11 19.72 25.30
CA CYS C 124 7.86 18.96 25.47
C CYS C 124 7.08 19.45 26.69
N ARG C 125 7.78 19.66 27.81
CA ARG C 125 7.15 20.12 29.05
C ARG C 125 6.45 21.47 28.85
N GLU C 126 7.14 22.45 28.22
CA GLU C 126 6.57 23.80 28.01
C GLU C 126 5.33 23.72 27.10
N CYS C 127 5.39 22.87 26.05
CA CYS C 127 4.29 22.63 25.11
C CYS C 127 3.07 21.98 25.78
N LEU C 128 3.31 20.99 26.64
CA LEU C 128 2.28 20.31 27.38
C LEU C 128 1.59 21.21 28.41
N GLN C 129 2.34 22.20 28.95
CA GLN C 129 1.81 23.21 29.87
C GLN C 129 0.83 24.10 29.09
N ALA C 130 1.21 24.47 27.85
CA ALA C 130 0.37 25.25 26.95
C ALA C 130 -0.89 24.44 26.58
N LEU C 131 -0.73 23.12 26.33
CA LEU C 131 -1.84 22.23 25.93
C LEU C 131 -2.81 22.00 27.03
N GLU C 132 -2.27 21.81 28.25
CA GLU C 132 -3.06 21.64 29.47
C GLU C 132 -3.95 22.87 29.67
N PHE C 133 -3.36 24.08 29.49
CA PHE C 133 -4.08 25.34 29.62
C PHE C 133 -5.21 25.45 28.59
N LEU C 134 -4.90 25.25 27.29
CA LEU C 134 -5.89 25.32 26.22
C LEU C 134 -7.01 24.32 26.39
N HIS C 135 -6.68 23.03 26.66
CA HIS C 135 -7.67 21.97 26.83
C HIS C 135 -8.60 22.26 28.01
N SER C 136 -8.09 22.92 29.07
CA SER C 136 -8.87 23.27 30.26
C SER C 136 -9.87 24.38 29.93
N ASN C 137 -9.66 25.05 28.80
CA ASN C 137 -10.55 26.09 28.31
C ASN C 137 -11.36 25.58 27.12
N GLN C 138 -11.36 24.25 26.90
CA GLN C 138 -12.06 23.53 25.83
C GLN C 138 -11.56 23.93 24.45
N VAL C 139 -10.28 24.31 24.36
CA VAL C 139 -9.70 24.66 23.08
C VAL C 139 -8.78 23.54 22.63
N ILE C 140 -9.05 22.98 21.43
CA ILE C 140 -8.26 21.95 20.76
C ILE C 140 -7.45 22.69 19.71
N HIS C 141 -6.12 22.56 19.75
CA HIS C 141 -5.21 23.32 18.89
C HIS C 141 -5.30 22.87 17.46
N ARG C 142 -5.16 21.55 17.23
CA ARG C 142 -5.25 20.90 15.92
C ARG C 142 -4.07 21.22 15.00
N ASP C 143 -3.08 22.02 15.45
CA ASP C 143 -1.94 22.33 14.58
C ASP C 143 -0.62 22.35 15.36
N ILE C 144 -0.43 21.39 16.28
CA ILE C 144 0.80 21.26 17.08
C ILE C 144 1.90 20.71 16.20
N LYS C 145 2.88 21.55 15.84
CA LYS C 145 4.04 21.24 15.00
C LYS C 145 5.11 22.26 15.32
N SER C 146 6.37 21.98 14.95
CA SER C 146 7.53 22.80 15.25
C SER C 146 7.44 24.24 14.74
N ASP C 147 6.71 24.46 13.65
CA ASP C 147 6.48 25.80 13.06
C ASP C 147 5.68 26.70 14.01
N ASN C 148 4.84 26.09 14.89
CA ASN C 148 4.00 26.81 15.85
C ASN C 148 4.58 26.90 17.25
N ILE C 149 5.86 26.54 17.37
CA ILE C 149 6.59 26.69 18.60
C ILE C 149 7.55 27.88 18.41
N LEU C 150 7.30 28.99 19.13
CA LEU C 150 8.18 30.17 19.08
C LEU C 150 9.09 30.12 20.29
N LEU C 151 10.34 30.51 20.08
CA LEU C 151 11.33 30.48 21.13
C LEU C 151 11.93 31.84 21.37
N GLY C 152 12.23 32.13 22.63
CA GLY C 152 12.91 33.35 23.03
C GLY C 152 14.39 33.02 23.14
N MET C 153 15.25 34.04 23.09
CA MET C 153 16.71 33.88 23.21
C MET C 153 17.10 33.20 24.52
N ASP C 154 16.32 33.45 25.59
CA ASP C 154 16.52 32.91 26.95
C ASP C 154 16.00 31.44 27.10
N GLY C 155 15.54 30.85 26.02
CA GLY C 155 15.03 29.48 26.01
C GLY C 155 13.54 29.37 26.28
N SER C 156 12.84 30.51 26.47
CA SER C 156 11.40 30.49 26.74
C SER C 156 10.63 29.98 25.53
N VAL C 157 9.53 29.27 25.80
CA VAL C 157 8.71 28.59 24.78
C VAL C 157 7.26 29.10 24.81
N LYS C 158 6.76 29.48 23.62
CA LYS C 158 5.37 29.90 23.44
C LYS C 158 4.79 29.23 22.22
N LEU C 159 3.64 28.63 22.42
CA LEU C 159 2.86 27.99 21.39
C LEU C 159 2.03 29.08 20.68
N THR C 160 2.03 29.05 19.34
CA THR C 160 1.26 29.96 18.49
C THR C 160 0.25 29.14 17.66
N ASP C 161 -0.68 29.83 17.03
CA ASP C 161 -1.65 29.22 16.15
C ASP C 161 -1.76 30.11 14.90
N PHE C 162 -0.67 30.14 14.12
CA PHE C 162 -0.56 31.00 12.94
C PHE C 162 -1.20 30.38 11.67
N GLY C 163 -2.20 29.50 11.87
CA GLY C 163 -2.98 28.85 10.83
C GLY C 163 -4.42 28.61 11.23
N GLU C 171 -16.55 23.82 5.35
CA GLU C 171 -16.78 22.48 4.81
C GLU C 171 -16.15 22.28 3.42
N GLN C 172 -16.38 23.26 2.49
CA GLN C 172 -15.90 23.33 1.09
C GLN C 172 -14.35 23.35 0.90
N SER C 173 -13.60 23.42 2.03
CA SER C 173 -12.14 23.37 2.12
C SER C 173 -11.59 22.01 1.67
N LYS C 174 -12.45 21.01 1.49
CA LYS C 174 -12.00 19.67 1.07
C LYS C 174 -11.44 19.64 -0.37
N ARG C 175 -11.81 20.65 -1.19
CA ARG C 175 -11.35 20.82 -2.58
C ARG C 175 -10.05 21.63 -2.69
N SER C 176 -9.55 22.10 -1.54
CA SER C 176 -8.36 22.94 -1.48
C SER C 176 -7.09 22.14 -1.36
N THR C 177 -6.00 22.72 -1.87
CA THR C 177 -4.64 22.20 -1.80
C THR C 177 -4.36 21.90 -0.34
N MET C 178 -3.81 20.73 -0.05
CA MET C 178 -3.62 20.33 1.33
C MET C 178 -2.43 21.03 2.06
N VAL C 179 -2.60 21.19 3.37
CA VAL C 179 -1.59 21.69 4.31
C VAL C 179 -1.42 20.53 5.29
N GLY C 180 -0.23 20.35 5.80
CA GLY C 180 0.05 19.28 6.76
C GLY C 180 -0.89 19.29 7.96
N THR C 181 -1.36 18.11 8.34
CA THR C 181 -2.19 17.90 9.51
C THR C 181 -1.27 17.03 10.43
N PRO C 182 -0.88 17.55 11.63
CA PRO C 182 0.12 16.81 12.44
C PRO C 182 -0.36 15.49 13.03
N TYR C 183 -1.67 15.31 13.10
CA TYR C 183 -2.27 14.10 13.64
C TYR C 183 -2.84 13.20 12.52
N TRP C 184 -2.38 13.33 11.24
CA TRP C 184 -2.93 12.56 10.11
C TRP C 184 -2.70 11.06 10.22
N MET C 185 -1.70 10.60 11.02
CA MET C 185 -1.42 9.16 11.25
C MET C 185 -2.10 8.63 12.54
N ALA C 186 -2.80 9.52 13.28
CA ALA C 186 -3.53 9.15 14.50
C ALA C 186 -4.70 8.22 14.12
N PRO C 187 -4.97 7.19 14.96
CA PRO C 187 -6.07 6.24 14.64
C PRO C 187 -7.39 6.91 14.31
N GLU C 188 -7.67 8.08 14.96
CA GLU C 188 -8.89 8.90 14.81
C GLU C 188 -9.22 9.23 13.38
N VAL C 189 -8.20 9.51 12.50
CA VAL C 189 -8.41 9.86 11.09
C VAL C 189 -9.12 8.72 10.36
N VAL C 190 -8.59 7.49 10.50
CA VAL C 190 -9.14 6.29 9.87
C VAL C 190 -10.40 5.80 10.58
N THR C 191 -10.44 5.85 11.91
CA THR C 191 -11.59 5.35 12.68
C THR C 191 -12.62 6.43 12.93
N ALA C 194 -13.96 11.47 16.00
CA ALA C 194 -13.95 12.89 16.36
C ALA C 194 -12.62 13.31 16.89
N TYR C 195 -12.17 14.49 16.49
CA TYR C 195 -10.88 14.97 16.94
C TYR C 195 -11.05 15.72 18.22
N GLY C 196 -10.58 15.15 19.31
CA GLY C 196 -10.65 15.78 20.61
C GLY C 196 -9.29 16.26 21.06
N PRO C 197 -9.15 16.61 22.37
CA PRO C 197 -7.85 17.07 22.89
C PRO C 197 -6.70 16.10 22.64
N LYS C 198 -6.97 14.78 22.60
CA LYS C 198 -5.94 13.75 22.41
C LYS C 198 -5.23 13.83 21.07
N VAL C 199 -5.80 14.51 20.04
CA VAL C 199 -5.11 14.69 18.75
C VAL C 199 -3.92 15.62 18.92
N ASP C 200 -4.00 16.56 19.90
CA ASP C 200 -2.89 17.48 20.23
C ASP C 200 -1.77 16.74 20.92
N ILE C 201 -2.10 15.69 21.70
CA ILE C 201 -1.13 14.86 22.40
C ILE C 201 -0.39 14.00 21.39
N TRP C 202 -1.14 13.39 20.44
CA TRP C 202 -0.59 12.62 19.35
C TRP C 202 0.41 13.50 18.60
N SER C 203 -0.02 14.70 18.14
CA SER C 203 0.77 15.68 17.39
C SER C 203 2.04 16.09 18.15
N LEU C 204 1.95 16.23 19.51
CA LEU C 204 3.13 16.53 20.31
C LEU C 204 4.14 15.33 20.25
N GLY C 205 3.62 14.09 20.25
CA GLY C 205 4.44 12.89 20.12
C GLY C 205 5.19 12.90 18.79
N ILE C 206 4.52 13.33 17.71
CA ILE C 206 5.11 13.44 16.37
C ILE C 206 6.20 14.50 16.37
N MET C 207 5.93 15.63 17.05
CA MET C 207 6.85 16.73 17.16
C MET C 207 8.09 16.31 17.96
N ALA C 208 7.90 15.51 19.01
CA ALA C 208 8.99 14.94 19.79
C ALA C 208 9.88 14.06 18.88
N ILE C 209 9.27 13.27 17.97
CA ILE C 209 10.01 12.46 16.99
C ILE C 209 10.82 13.38 16.04
N GLU C 210 10.21 14.50 15.62
CA GLU C 210 10.86 15.52 14.76
C GLU C 210 12.10 16.10 15.44
N MET C 211 12.10 16.14 16.76
CA MET C 211 13.25 16.71 17.48
C MET C 211 14.39 15.70 17.63
N ILE C 212 14.12 14.39 17.42
CA ILE C 212 15.14 13.36 17.65
C ILE C 212 16.24 13.44 16.61
N GLU C 213 17.51 13.42 17.08
CA GLU C 213 18.63 13.46 16.14
C GLU C 213 18.64 12.18 15.28
N GLY C 214 18.64 12.37 13.97
CA GLY C 214 18.76 11.28 13.01
C GLY C 214 17.49 10.52 12.68
N GLU C 215 16.33 10.95 13.20
CA GLU C 215 15.11 10.25 12.86
C GLU C 215 14.53 10.86 11.60
N PRO C 216 14.05 10.04 10.65
CA PRO C 216 13.36 10.60 9.49
C PRO C 216 11.96 11.09 9.90
N PRO C 217 11.19 11.77 9.01
CA PRO C 217 9.79 12.07 9.37
C PRO C 217 9.09 10.75 9.72
N TYR C 218 8.15 10.81 10.69
CA TYR C 218 7.50 9.63 11.23
C TYR C 218 6.92 8.70 10.13
N LEU C 219 7.40 7.42 10.11
CA LEU C 219 7.05 6.36 9.16
C LEU C 219 7.34 6.70 7.70
N ASN C 220 8.28 7.65 7.46
CA ASN C 220 8.63 8.15 6.11
C ASN C 220 7.40 8.69 5.37
N GLU C 221 6.45 9.21 6.15
CA GLU C 221 5.18 9.80 5.71
C GLU C 221 4.37 8.86 4.86
N ASN C 222 4.50 7.55 5.14
CA ASN C 222 3.76 6.51 4.41
C ASN C 222 2.48 6.17 5.21
N PRO C 223 1.27 6.57 4.74
CA PRO C 223 0.05 6.22 5.50
C PRO C 223 -0.18 4.71 5.58
N LEU C 224 0.42 3.92 4.66
CA LEU C 224 0.27 2.46 4.71
C LEU C 224 0.91 1.87 5.95
N ARG C 225 2.05 2.42 6.38
CA ARG C 225 2.74 2.00 7.61
C ARG C 225 1.98 2.51 8.85
N ALA C 226 1.35 3.70 8.73
CA ALA C 226 0.52 4.25 9.81
C ALA C 226 -0.71 3.35 9.97
N LEU C 227 -1.34 2.93 8.85
CA LEU C 227 -2.49 2.04 8.82
C LEU C 227 -2.20 0.68 9.43
N TYR C 228 -1.02 0.10 9.15
CA TYR C 228 -0.59 -1.16 9.74
C TYR C 228 -0.60 -1.14 11.27
N LEU C 229 -0.05 -0.06 11.86
CA LEU C 229 0.03 0.15 13.30
C LEU C 229 -1.33 0.43 13.91
N ILE C 230 -2.25 1.11 13.19
CA ILE C 230 -3.63 1.31 13.67
C ILE C 230 -4.32 -0.05 13.73
N ALA C 231 -4.17 -0.86 12.68
CA ALA C 231 -4.76 -2.21 12.63
C ALA C 231 -4.20 -3.17 13.69
N THR C 232 -2.91 -3.00 14.06
CA THR C 232 -2.30 -3.89 15.05
C THR C 232 -2.32 -3.26 16.45
N ASN C 233 -2.82 -2.02 16.59
CA ASN C 233 -2.84 -1.26 17.86
C ASN C 233 -1.39 -1.10 18.39
N GLY C 234 -0.48 -0.88 17.44
CA GLY C 234 0.95 -0.85 17.72
C GLY C 234 1.49 0.38 18.41
N THR C 235 2.67 0.21 19.01
CA THR C 235 3.43 1.28 19.66
C THR C 235 4.20 1.96 18.52
N PRO C 236 4.61 3.24 18.67
CA PRO C 236 5.26 3.92 17.54
C PRO C 236 6.54 3.26 17.04
N GLU C 237 6.73 3.29 15.73
CA GLU C 237 7.90 2.67 15.11
C GLU C 237 8.86 3.72 14.64
N LEU C 238 9.91 3.91 15.43
CA LEU C 238 10.96 4.85 15.11
C LEU C 238 12.01 4.10 14.30
N GLN C 239 12.88 4.84 13.60
CA GLN C 239 13.95 4.20 12.85
C GLN C 239 15.03 3.63 13.78
N ASN C 240 15.46 4.38 14.81
CA ASN C 240 16.52 3.93 15.74
C ASN C 240 16.09 4.06 17.22
N PRO C 241 15.03 3.32 17.67
CA PRO C 241 14.59 3.46 19.06
C PRO C 241 15.61 3.05 20.12
N GLU C 242 16.51 2.09 19.77
CA GLU C 242 17.51 1.54 20.67
C GLU C 242 18.51 2.60 21.13
N LYS C 243 18.64 3.74 20.40
CA LYS C 243 19.52 4.87 20.76
C LYS C 243 18.91 5.75 21.88
N LEU C 244 17.63 5.52 22.23
CA LEU C 244 16.89 6.30 23.21
C LEU C 244 16.74 5.58 24.54
N SER C 245 16.56 6.36 25.61
CA SER C 245 16.35 5.82 26.96
C SER C 245 14.95 5.17 27.04
N ALA C 246 14.75 4.24 27.98
CA ALA C 246 13.44 3.60 28.19
C ALA C 246 12.38 4.62 28.58
N ILE C 247 12.77 5.67 29.33
CA ILE C 247 11.91 6.77 29.82
C ILE C 247 11.37 7.60 28.67
N PHE C 248 12.23 7.93 27.69
CA PHE C 248 11.81 8.68 26.51
C PHE C 248 10.89 7.81 25.65
N ARG C 249 11.25 6.53 25.45
CA ARG C 249 10.44 5.60 24.66
C ARG C 249 9.07 5.42 25.29
N ASP C 250 9.00 5.34 26.64
CA ASP C 250 7.73 5.23 27.36
C ASP C 250 6.88 6.47 27.16
N PHE C 251 7.49 7.68 27.23
CA PHE C 251 6.81 8.95 27.03
C PHE C 251 6.19 9.00 25.61
N LEU C 252 6.97 8.58 24.58
CA LEU C 252 6.52 8.53 23.21
C LEU C 252 5.35 7.56 23.02
N ASN C 253 5.44 6.35 23.61
CA ASN C 253 4.35 5.36 23.58
C ASN C 253 3.07 5.93 24.17
N ARG C 254 3.15 6.74 25.20
CA ARG C 254 1.98 7.33 25.86
C ARG C 254 1.37 8.46 25.03
N CYS C 255 2.20 9.21 24.28
CA CYS C 255 1.73 10.27 23.37
C CYS C 255 1.10 9.66 22.15
N LEU C 256 1.65 8.53 21.67
CA LEU C 256 1.24 7.88 20.41
C LEU C 256 0.44 6.60 20.60
N GLU C 257 -0.27 6.54 21.71
CA GLU C 257 -1.10 5.45 22.12
C GLU C 257 -2.29 5.36 21.15
N MET C 258 -2.51 4.15 20.60
CA MET C 258 -3.62 3.86 19.67
C MET C 258 -4.97 3.93 20.30
N ASP C 259 -5.06 3.61 21.58
CA ASP C 259 -6.31 3.73 22.33
C ASP C 259 -6.41 5.21 22.75
N VAL C 260 -7.38 5.92 22.18
CA VAL C 260 -7.62 7.35 22.42
C VAL C 260 -7.78 7.66 23.92
N GLU C 261 -8.57 6.84 24.61
CA GLU C 261 -8.84 7.03 26.03
C GLU C 261 -7.60 6.81 26.87
N LYS C 262 -6.79 5.76 26.51
CA LYS C 262 -5.58 5.47 27.25
C LYS C 262 -4.48 6.53 27.02
N ARG C 263 -4.43 7.14 25.79
CA ARG C 263 -3.48 8.16 25.40
C ARG C 263 -3.47 9.21 26.49
N GLY C 264 -2.29 9.60 26.95
CA GLY C 264 -2.18 10.56 28.03
C GLY C 264 -2.76 11.91 27.72
N SER C 265 -3.33 12.56 28.72
CA SER C 265 -3.78 13.93 28.59
C SER C 265 -2.52 14.75 28.90
N ALA C 266 -2.56 16.06 28.63
CA ALA C 266 -1.45 16.96 28.89
C ALA C 266 -1.12 16.96 30.40
N LYS C 267 -2.17 16.99 31.28
CA LYS C 267 -2.03 16.95 32.73
C LYS C 267 -1.28 15.69 33.17
N GLU C 268 -1.72 14.53 32.69
CA GLU C 268 -1.10 13.24 33.04
C GLU C 268 0.34 13.15 32.57
N LEU C 269 0.60 13.62 31.33
CA LEU C 269 1.93 13.57 30.74
C LEU C 269 2.89 14.52 31.37
N LEU C 270 2.40 15.62 31.98
CA LEU C 270 3.28 16.56 32.70
C LEU C 270 3.91 15.94 33.92
N GLN C 271 3.38 14.77 34.35
CA GLN C 271 3.86 14.00 35.50
C GLN C 271 4.88 12.94 35.12
N HIS C 272 5.09 12.75 33.82
CA HIS C 272 6.01 11.75 33.31
C HIS C 272 7.47 11.99 33.69
N GLN C 273 8.20 10.90 34.06
CA GLN C 273 9.60 10.93 34.44
C GLN C 273 10.50 11.59 33.38
N PHE C 274 10.15 11.42 32.08
CA PHE C 274 10.88 12.06 30.97
C PHE C 274 10.95 13.57 31.16
N LEU C 275 9.86 14.20 31.61
CA LEU C 275 9.82 15.64 31.86
C LEU C 275 10.37 16.04 33.22
N LYS C 276 10.23 15.18 34.25
CA LYS C 276 10.76 15.49 35.59
C LYS C 276 12.28 15.76 35.53
N ILE C 277 13.00 15.06 34.63
CA ILE C 277 14.44 15.20 34.47
C ILE C 277 14.83 16.14 33.31
N ALA C 278 13.86 16.87 32.72
CA ALA C 278 14.13 17.83 31.63
C ALA C 278 15.25 18.79 32.04
N LYS C 279 16.08 19.18 31.08
CA LYS C 279 17.13 20.16 31.35
C LYS C 279 16.54 21.56 31.49
N PRO C 280 17.21 22.54 32.16
CA PRO C 280 16.63 23.88 32.23
C PRO C 280 16.51 24.50 30.83
N LEU C 281 15.62 25.50 30.69
CA LEU C 281 15.39 26.20 29.40
C LEU C 281 16.64 26.89 28.85
N SER C 282 17.58 27.23 29.73
CA SER C 282 18.86 27.85 29.38
C SER C 282 19.69 26.92 28.49
N SER C 283 19.47 25.59 28.58
CA SER C 283 20.17 24.62 27.72
C SER C 283 19.79 24.75 26.24
N LEU C 284 18.70 25.45 25.95
CA LEU C 284 18.23 25.67 24.57
C LEU C 284 18.89 26.87 23.91
N THR C 285 19.36 27.84 24.72
CA THR C 285 19.95 29.11 24.26
C THR C 285 21.06 28.89 23.21
N PRO C 286 22.05 27.94 23.33
CA PRO C 286 23.06 27.80 22.26
C PRO C 286 22.43 27.31 20.97
N LEU C 287 21.40 26.44 21.05
CA LEU C 287 20.68 25.95 19.87
C LEU C 287 19.91 27.08 19.18
N ILE C 288 19.20 27.91 19.97
CA ILE C 288 18.43 29.07 19.49
C ILE C 288 19.35 30.07 18.78
N ALA C 289 20.53 30.34 19.38
CA ALA C 289 21.55 31.25 18.85
C ALA C 289 22.14 30.71 17.55
N ALA C 290 22.52 29.42 17.53
CA ALA C 290 23.10 28.79 16.35
C ALA C 290 22.06 28.72 15.20
N ALA C 291 20.78 28.38 15.52
CA ALA C 291 19.72 28.35 14.49
C ALA C 291 19.43 29.75 13.93
N LYS C 292 19.51 30.82 14.75
CA LYS C 292 19.27 32.21 14.33
C LYS C 292 20.36 32.63 13.36
N GLU C 293 21.62 32.32 13.71
CA GLU C 293 22.82 32.60 12.92
C GLU C 293 22.72 31.91 11.56
N ALA C 294 22.36 30.62 11.56
CA ALA C 294 22.23 29.81 10.35
C ALA C 294 21.05 30.23 9.48
N THR C 295 19.92 30.69 10.09
CA THR C 295 18.73 31.11 9.35
C THR C 295 18.87 32.57 8.84
N LYS C 296 19.89 33.34 9.32
CA LYS C 296 20.17 34.71 8.87
C LYS C 296 20.78 34.70 7.45
N GLU D 6 8.42 -49.14 21.25
CA GLU D 6 8.08 -48.95 19.85
C GLU D 6 6.57 -48.68 19.65
N ILE D 7 6.25 -47.45 19.18
CA ILE D 7 4.89 -47.01 18.92
C ILE D 7 4.30 -47.66 17.66
N LEU D 8 5.18 -48.13 16.73
CA LEU D 8 4.80 -48.79 15.47
C LEU D 8 3.94 -50.04 15.71
N GLU D 9 3.99 -50.59 16.94
CA GLU D 9 3.20 -51.74 17.35
C GLU D 9 1.76 -51.33 17.61
N LYS D 10 1.52 -50.12 18.16
CA LYS D 10 0.17 -49.64 18.44
C LYS D 10 -0.50 -49.25 17.12
N LEU D 11 0.27 -48.64 16.19
CA LEU D 11 -0.21 -48.25 14.87
C LEU D 11 -0.63 -49.47 14.08
N ARG D 12 0.20 -50.56 14.14
CA ARG D 12 -0.09 -51.83 13.46
C ARG D 12 -1.35 -52.51 14.05
N SER D 13 -1.64 -52.28 15.33
CA SER D 13 -2.83 -52.81 16.01
C SER D 13 -4.11 -52.01 15.65
N ILE D 14 -3.97 -50.73 15.27
CA ILE D 14 -5.11 -49.87 14.92
C ILE D 14 -5.50 -50.05 13.45
N VAL D 15 -4.50 -50.06 12.53
CA VAL D 15 -4.65 -50.23 11.08
C VAL D 15 -5.07 -51.65 10.71
N SER D 16 -5.91 -51.82 9.67
CA SER D 16 -6.43 -53.11 9.23
C SER D 16 -5.38 -54.11 8.66
N VAL D 17 -4.66 -53.86 7.52
CA VAL D 17 -3.72 -54.88 6.95
C VAL D 17 -2.96 -54.40 5.67
N LYS D 21 -3.16 -51.34 -2.13
CA LYS D 21 -2.48 -51.62 -3.38
C LYS D 21 -2.97 -52.91 -4.05
N LYS D 22 -3.69 -53.78 -3.30
CA LYS D 22 -4.29 -55.04 -3.76
C LYS D 22 -5.79 -55.12 -3.42
N LYS D 23 -6.19 -54.56 -2.26
CA LYS D 23 -7.60 -54.52 -1.77
C LYS D 23 -8.51 -53.54 -2.54
N TYR D 24 -7.90 -52.57 -3.22
CA TYR D 24 -8.54 -51.52 -4.01
C TYR D 24 -7.96 -51.55 -5.41
N THR D 25 -8.71 -51.03 -6.40
CA THR D 25 -8.26 -51.02 -7.80
C THR D 25 -8.53 -49.69 -8.48
N ARG D 26 -8.03 -49.52 -9.73
CA ARG D 26 -8.19 -48.32 -10.56
C ARG D 26 -7.80 -47.05 -9.80
N PHE D 27 -6.55 -47.03 -9.33
CA PHE D 27 -5.99 -45.89 -8.60
C PHE D 27 -5.72 -44.76 -9.57
N GLU D 28 -6.16 -43.56 -9.21
CA GLU D 28 -5.97 -42.35 -9.99
C GLU D 28 -5.55 -41.25 -9.03
N LYS D 29 -4.31 -40.73 -9.19
CA LYS D 29 -3.81 -39.64 -8.36
C LYS D 29 -4.63 -38.38 -8.62
N ILE D 30 -5.24 -37.83 -7.56
CA ILE D 30 -6.10 -36.66 -7.69
C ILE D 30 -5.53 -35.45 -7.00
N GLY D 31 -4.54 -35.66 -6.15
CA GLY D 31 -3.97 -34.57 -5.38
C GLY D 31 -2.67 -34.89 -4.70
N GLN D 32 -2.08 -33.81 -4.18
CA GLN D 32 -0.82 -33.81 -3.47
C GLN D 32 -0.74 -32.58 -2.59
N GLY D 33 -0.11 -32.77 -1.44
CA GLY D 33 0.19 -31.76 -0.44
C GLY D 33 1.59 -32.06 0.05
N ALA D 34 2.11 -31.29 1.00
CA ALA D 34 3.46 -31.56 1.49
C ALA D 34 3.57 -32.89 2.25
N SER D 35 2.48 -33.34 2.86
CA SER D 35 2.44 -34.56 3.68
C SER D 35 2.18 -35.86 2.92
N GLY D 36 1.56 -35.79 1.76
CA GLY D 36 1.27 -37.02 1.02
C GLY D 36 0.46 -36.86 -0.26
N THR D 37 0.11 -38.01 -0.89
CA THR D 37 -0.62 -38.07 -2.14
C THR D 37 -1.99 -38.76 -2.04
N VAL D 38 -3.03 -38.06 -2.51
CA VAL D 38 -4.41 -38.51 -2.55
C VAL D 38 -4.72 -39.12 -3.87
N TYR D 39 -5.32 -40.30 -3.82
CA TYR D 39 -5.76 -41.01 -5.00
C TYR D 39 -7.25 -41.33 -4.82
N THR D 40 -7.96 -41.56 -5.94
CA THR D 40 -9.30 -42.08 -5.94
C THR D 40 -9.08 -43.54 -6.29
N ALA D 41 -9.93 -44.44 -5.80
CA ALA D 41 -9.83 -45.87 -6.10
C ALA D 41 -11.19 -46.50 -5.96
N MET D 42 -11.33 -47.74 -6.49
CA MET D 42 -12.60 -48.46 -6.44
C MET D 42 -12.62 -49.58 -5.42
N ASP D 43 -13.77 -49.70 -4.71
CA ASP D 43 -14.05 -50.74 -3.71
C ASP D 43 -15.03 -51.78 -4.32
N VAL D 44 -14.70 -53.09 -4.22
CA VAL D 44 -15.53 -54.18 -4.75
C VAL D 44 -16.79 -54.41 -3.92
N GLU D 49 -16.52 -46.23 -5.00
CA GLU D 49 -15.43 -45.27 -5.17
C GLU D 49 -15.06 -44.63 -3.83
N VAL D 50 -13.76 -44.66 -3.51
CA VAL D 50 -13.19 -44.15 -2.26
C VAL D 50 -12.02 -43.21 -2.57
N ALA D 51 -11.55 -42.48 -1.54
CA ALA D 51 -10.37 -41.65 -1.61
C ALA D 51 -9.32 -42.30 -0.67
N ILE D 52 -8.06 -42.38 -1.11
CA ILE D 52 -6.99 -42.99 -0.33
C ILE D 52 -5.78 -42.07 -0.24
N LYS D 53 -5.36 -41.77 1.00
CA LYS D 53 -4.19 -40.95 1.29
C LYS D 53 -3.04 -41.88 1.58
N GLN D 54 -1.90 -41.67 0.91
CA GLN D 54 -0.68 -42.45 1.08
C GLN D 54 0.42 -41.58 1.69
N MET D 55 0.97 -42.03 2.82
CA MET D 55 2.02 -41.33 3.54
C MET D 55 3.17 -42.27 3.91
N ASN D 56 4.42 -41.78 3.79
CA ASN D 56 5.62 -42.58 4.10
C ASN D 56 5.84 -42.76 5.60
N LEU D 57 5.97 -41.64 6.40
CA LEU D 57 6.18 -41.49 7.87
C LEU D 57 7.41 -40.63 8.17
N PRO D 61 7.85 -36.17 11.99
CA PRO D 61 7.76 -37.59 12.35
C PRO D 61 7.15 -37.79 13.75
N LYS D 62 5.84 -37.48 13.85
CA LYS D 62 5.05 -37.61 15.07
C LYS D 62 4.08 -38.80 14.90
N LYS D 63 4.61 -40.02 15.13
CA LYS D 63 3.88 -41.27 14.98
C LYS D 63 2.77 -41.45 16.01
N GLU D 64 2.97 -40.92 17.23
CA GLU D 64 1.95 -41.00 18.29
C GLU D 64 0.77 -40.08 17.95
N LEU D 65 1.04 -38.97 17.23
CA LEU D 65 0.02 -38.04 16.78
C LEU D 65 -0.89 -38.71 15.75
N ILE D 66 -0.28 -39.48 14.80
CA ILE D 66 -0.96 -40.24 13.75
C ILE D 66 -1.97 -41.19 14.38
N ILE D 67 -1.57 -41.92 15.44
CA ILE D 67 -2.40 -42.88 16.17
C ILE D 67 -3.67 -42.20 16.74
N ASN D 68 -3.51 -41.05 17.43
CA ASN D 68 -4.66 -40.34 17.99
C ASN D 68 -5.55 -39.74 16.92
N GLU D 69 -4.94 -39.26 15.83
CA GLU D 69 -5.66 -38.69 14.71
C GLU D 69 -6.55 -39.72 14.05
N ILE D 70 -6.03 -40.93 13.82
CA ILE D 70 -6.77 -42.05 13.22
C ILE D 70 -7.94 -42.46 14.14
N LEU D 71 -7.67 -42.61 15.45
CA LEU D 71 -8.67 -42.97 16.45
C LEU D 71 -9.82 -41.95 16.48
N VAL D 72 -9.49 -40.64 16.48
CA VAL D 72 -10.48 -39.56 16.47
C VAL D 72 -11.41 -39.65 15.25
N MET D 73 -10.85 -39.79 14.03
CA MET D 73 -11.67 -39.88 12.82
C MET D 73 -12.42 -41.21 12.69
N ARG D 74 -11.90 -42.30 13.28
CA ARG D 74 -12.55 -43.60 13.25
C ARG D 74 -13.75 -43.61 14.22
N GLU D 75 -13.62 -42.91 15.35
CA GLU D 75 -14.66 -42.87 16.39
C GLU D 75 -15.70 -41.76 16.17
N ASN D 76 -15.38 -40.77 15.31
CA ASN D 76 -16.28 -39.62 15.08
C ASN D 76 -16.61 -39.45 13.63
N LYS D 77 -17.88 -39.65 13.29
CA LYS D 77 -18.38 -39.60 11.92
C LYS D 77 -19.46 -38.56 11.75
N ASN D 78 -19.55 -38.00 10.52
CA ASN D 78 -20.54 -37.01 10.17
C ASN D 78 -20.89 -37.13 8.69
N PRO D 79 -22.18 -36.98 8.31
CA PRO D 79 -22.55 -37.04 6.89
C PRO D 79 -21.97 -35.96 5.99
N ASN D 80 -21.55 -34.81 6.55
CA ASN D 80 -21.04 -33.68 5.75
C ASN D 80 -19.53 -33.62 5.62
N ILE D 81 -18.86 -34.70 5.92
CA ILE D 81 -17.42 -34.82 5.68
C ILE D 81 -17.22 -36.16 4.97
N VAL D 82 -16.05 -36.31 4.32
CA VAL D 82 -15.65 -37.60 3.75
C VAL D 82 -15.09 -38.34 4.98
N ASN D 83 -15.81 -39.36 5.44
CA ASN D 83 -15.43 -40.08 6.65
C ASN D 83 -14.32 -41.06 6.43
N TYR D 84 -13.61 -41.36 7.51
CA TYR D 84 -12.60 -42.40 7.56
C TYR D 84 -13.34 -43.75 7.35
N LEU D 85 -12.76 -44.64 6.55
CA LEU D 85 -13.34 -45.97 6.29
C LEU D 85 -12.42 -47.07 6.79
N ASP D 86 -11.11 -46.96 6.49
CA ASP D 86 -10.10 -47.95 6.83
C ASP D 86 -8.71 -47.32 6.81
N SER D 87 -7.71 -48.09 7.29
CA SER D 87 -6.30 -47.75 7.27
C SER D 87 -5.45 -49.01 7.13
N TYR D 88 -4.28 -48.89 6.50
CA TYR D 88 -3.35 -50.01 6.25
C TYR D 88 -1.91 -49.59 6.47
N GLY D 91 4.07 -52.46 5.00
CA GLY D 91 5.20 -52.50 5.93
C GLY D 91 5.65 -51.13 6.38
N ASP D 92 5.92 -50.22 5.42
CA ASP D 92 6.39 -48.85 5.68
C ASP D 92 5.42 -47.72 5.28
N GLU D 93 4.50 -47.96 4.31
CA GLU D 93 3.57 -46.90 3.88
C GLU D 93 2.21 -46.96 4.60
N LEU D 94 1.70 -45.78 5.07
CA LEU D 94 0.40 -45.70 5.76
C LEU D 94 -0.64 -45.18 4.79
N TRP D 95 -1.68 -46.00 4.57
CA TRP D 95 -2.82 -45.72 3.69
C TRP D 95 -4.09 -45.46 4.48
N VAL D 96 -4.68 -44.28 4.28
CA VAL D 96 -5.95 -43.96 4.96
C VAL D 96 -7.05 -43.89 3.91
N VAL D 97 -8.05 -44.79 4.05
CA VAL D 97 -9.23 -44.91 3.17
C VAL D 97 -10.35 -44.03 3.71
N MET D 98 -10.93 -43.22 2.84
CA MET D 98 -11.99 -42.25 3.15
C MET D 98 -13.11 -42.30 2.13
N GLU D 99 -14.29 -41.72 2.45
CA GLU D 99 -15.40 -41.62 1.48
C GLU D 99 -15.01 -40.68 0.34
N TYR D 100 -15.81 -40.71 -0.72
CA TYR D 100 -15.60 -39.87 -1.89
C TYR D 100 -16.94 -39.63 -2.56
N LEU D 101 -17.11 -38.45 -3.14
CA LEU D 101 -18.32 -38.10 -3.92
C LEU D 101 -17.80 -37.76 -5.32
N ALA D 102 -18.38 -38.40 -6.35
CA ALA D 102 -17.89 -38.24 -7.72
C ALA D 102 -18.68 -37.24 -8.60
N GLY D 103 -19.64 -36.54 -8.01
CA GLY D 103 -20.42 -35.52 -8.73
C GLY D 103 -19.61 -34.32 -9.18
N GLY D 104 -18.52 -34.02 -8.46
CA GLY D 104 -17.60 -32.93 -8.75
C GLY D 104 -17.30 -32.09 -7.53
N SER D 105 -16.63 -30.94 -7.74
CA SER D 105 -16.29 -30.00 -6.66
C SER D 105 -17.14 -28.75 -6.77
N LEU D 106 -17.22 -27.95 -5.69
CA LEU D 106 -17.92 -26.66 -5.75
C LEU D 106 -17.21 -25.73 -6.76
N THR D 107 -15.87 -25.88 -6.94
CA THR D 107 -15.10 -25.10 -7.92
C THR D 107 -15.70 -25.28 -9.33
N ASP D 108 -15.99 -26.53 -9.72
CA ASP D 108 -16.58 -26.85 -11.01
C ASP D 108 -17.91 -26.13 -11.16
N VAL D 109 -18.76 -26.17 -10.12
CA VAL D 109 -20.07 -25.52 -10.13
C VAL D 109 -19.97 -24.00 -10.29
N VAL D 110 -19.10 -23.34 -9.49
CA VAL D 110 -18.98 -21.89 -9.52
C VAL D 110 -18.27 -21.37 -10.81
N THR D 111 -17.37 -22.18 -11.42
CA THR D 111 -16.68 -21.73 -12.63
C THR D 111 -17.50 -22.01 -13.88
N GLU D 112 -18.43 -22.98 -13.82
CA GLU D 112 -19.24 -23.35 -14.99
C GLU D 112 -20.68 -22.84 -14.99
N THR D 113 -21.30 -22.72 -13.80
CA THR D 113 -22.71 -22.34 -13.68
C THR D 113 -22.87 -21.08 -12.80
N CYS D 114 -24.12 -20.61 -12.66
CA CYS D 114 -24.48 -19.45 -11.83
C CYS D 114 -25.44 -19.97 -10.76
N MET D 115 -25.09 -19.74 -9.51
CA MET D 115 -25.90 -20.13 -8.36
C MET D 115 -26.77 -18.96 -7.90
N ASP D 116 -27.98 -19.27 -7.42
CA ASP D 116 -28.85 -18.26 -6.85
C ASP D 116 -28.68 -18.30 -5.32
N GLU D 117 -29.25 -17.33 -4.60
CA GLU D 117 -29.16 -17.24 -3.14
C GLU D 117 -29.55 -18.50 -2.36
N GLY D 118 -30.62 -19.15 -2.81
CA GLY D 118 -31.15 -20.35 -2.17
C GLY D 118 -30.22 -21.52 -2.29
N GLN D 119 -29.48 -21.58 -3.42
CA GLN D 119 -28.50 -22.63 -3.71
C GLN D 119 -27.23 -22.38 -2.91
N ILE D 120 -26.85 -21.10 -2.74
CA ILE D 120 -25.66 -20.71 -1.96
C ILE D 120 -25.90 -21.09 -0.50
N ALA D 121 -27.08 -20.73 0.00
CA ALA D 121 -27.53 -21.02 1.36
C ALA D 121 -27.49 -22.53 1.62
N ALA D 122 -27.99 -23.37 0.67
CA ALA D 122 -28.02 -24.84 0.75
C ALA D 122 -26.62 -25.41 0.92
N VAL D 123 -25.65 -24.92 0.14
CA VAL D 123 -24.25 -25.33 0.24
C VAL D 123 -23.65 -24.83 1.56
N CYS D 124 -23.90 -23.54 1.93
CA CYS D 124 -23.40 -22.97 3.17
C CYS D 124 -23.87 -23.76 4.37
N ARG D 125 -25.16 -24.13 4.39
CA ARG D 125 -25.71 -24.92 5.49
C ARG D 125 -24.95 -26.27 5.66
N GLU D 126 -24.75 -27.02 4.57
CA GLU D 126 -24.07 -28.33 4.63
C GLU D 126 -22.63 -28.18 5.11
N CYS D 127 -21.93 -27.14 4.63
N CYS D 127 -21.90 -27.16 4.61
CA CYS D 127 -20.55 -26.84 5.02
CA CYS D 127 -20.52 -26.88 5.02
C CYS D 127 -20.47 -26.42 6.47
C CYS D 127 -20.47 -26.44 6.49
N LEU D 128 -21.48 -25.66 6.96
CA LEU D 128 -21.54 -25.22 8.36
C LEU D 128 -21.81 -26.37 9.31
N GLN D 129 -22.54 -27.40 8.83
CA GLN D 129 -22.81 -28.63 9.57
C GLN D 129 -21.50 -29.43 9.74
N ALA D 130 -20.70 -29.49 8.67
CA ALA D 130 -19.39 -30.12 8.70
C ALA D 130 -18.45 -29.38 9.67
N LEU D 131 -18.44 -28.03 9.64
CA LEU D 131 -17.62 -27.18 10.52
C LEU D 131 -18.02 -27.32 11.98
N GLU D 132 -19.33 -27.30 12.25
CA GLU D 132 -19.86 -27.49 13.59
C GLU D 132 -19.36 -28.81 14.17
N PHE D 133 -19.42 -29.90 13.37
CA PHE D 133 -18.95 -31.23 13.76
C PHE D 133 -17.42 -31.22 14.05
N LEU D 134 -16.61 -30.72 13.11
CA LEU D 134 -15.16 -30.66 13.27
C LEU D 134 -14.72 -29.84 14.48
N HIS D 135 -15.29 -28.63 14.64
CA HIS D 135 -14.96 -27.73 15.75
C HIS D 135 -15.32 -28.34 17.08
N SER D 136 -16.40 -29.16 17.13
CA SER D 136 -16.85 -29.82 18.38
C SER D 136 -15.85 -30.94 18.75
N ASN D 137 -15.00 -31.33 17.79
CA ASN D 137 -13.95 -32.32 18.01
C ASN D 137 -12.58 -31.66 18.10
N GLN D 138 -12.57 -30.31 18.23
CA GLN D 138 -11.37 -29.45 18.35
C GLN D 138 -10.52 -29.51 17.08
N VAL D 139 -11.16 -29.73 15.95
CA VAL D 139 -10.44 -29.74 14.67
C VAL D 139 -10.77 -28.47 13.93
N ILE D 140 -9.72 -27.68 13.59
CA ILE D 140 -9.81 -26.44 12.79
C ILE D 140 -9.36 -26.84 11.40
N HIS D 141 -10.21 -26.59 10.40
CA HIS D 141 -9.96 -26.99 9.04
C HIS D 141 -8.83 -26.22 8.40
N ARG D 142 -8.93 -24.87 8.42
CA ARG D 142 -7.91 -23.94 7.88
C ARG D 142 -7.85 -23.92 6.36
N ASP D 143 -8.67 -24.71 5.67
CA ASP D 143 -8.59 -24.71 4.20
C ASP D 143 -9.99 -24.77 3.58
N ILE D 144 -10.96 -24.04 4.17
CA ILE D 144 -12.35 -23.96 3.67
C ILE D 144 -12.38 -23.12 2.41
N LYS D 145 -12.57 -23.75 1.25
CA LYS D 145 -12.62 -23.14 -0.08
C LYS D 145 -13.34 -24.11 -0.99
N SER D 146 -13.85 -23.62 -2.15
CA SER D 146 -14.67 -24.42 -3.09
C SER D 146 -14.00 -25.72 -3.56
N ASP D 147 -12.66 -25.74 -3.66
CA ASP D 147 -11.87 -26.92 -4.04
C ASP D 147 -12.03 -28.10 -3.05
N ASN D 148 -12.21 -27.81 -1.75
CA ASN D 148 -12.41 -28.82 -0.73
C ASN D 148 -13.88 -29.16 -0.49
N ILE D 149 -14.75 -28.76 -1.42
CA ILE D 149 -16.17 -29.06 -1.31
C ILE D 149 -16.51 -30.06 -2.40
N LEU D 150 -16.70 -31.33 -2.01
CA LEU D 150 -17.10 -32.40 -2.91
C LEU D 150 -18.60 -32.50 -2.94
N LEU D 151 -19.16 -32.80 -4.10
CA LEU D 151 -20.59 -32.92 -4.31
C LEU D 151 -20.98 -34.23 -4.93
N GLY D 152 -22.15 -34.71 -4.58
CA GLY D 152 -22.75 -35.90 -5.17
C GLY D 152 -23.74 -35.46 -6.22
N MET D 153 -24.07 -36.36 -7.16
CA MET D 153 -25.04 -36.08 -8.23
C MET D 153 -26.39 -35.65 -7.66
N ASP D 154 -26.79 -36.21 -6.49
CA ASP D 154 -28.04 -35.96 -5.77
C ASP D 154 -28.05 -34.61 -4.98
N GLY D 155 -26.97 -33.85 -5.09
CA GLY D 155 -26.82 -32.57 -4.41
C GLY D 155 -26.17 -32.66 -3.04
N SER D 156 -25.79 -33.87 -2.61
CA SER D 156 -25.16 -34.06 -1.29
C SER D 156 -23.78 -33.39 -1.24
N VAL D 157 -23.43 -32.87 -0.07
CA VAL D 157 -22.20 -32.09 0.16
C VAL D 157 -21.30 -32.71 1.21
N LYS D 158 -20.02 -32.90 0.87
CA LYS D 158 -19.01 -33.41 1.80
C LYS D 158 -17.76 -32.55 1.74
N LEU D 159 -17.32 -32.13 2.90
CA LEU D 159 -16.11 -31.37 3.10
C LEU D 159 -14.93 -32.37 3.13
N THR D 160 -13.84 -32.02 2.46
CA THR D 160 -12.61 -32.83 2.41
C THR D 160 -11.42 -31.99 2.93
N ASP D 161 -10.29 -32.64 3.26
CA ASP D 161 -9.03 -32.05 3.69
C ASP D 161 -7.93 -33.08 3.33
N PHE D 162 -7.81 -33.39 2.07
CA PHE D 162 -6.86 -34.40 1.60
C PHE D 162 -5.39 -33.98 1.76
N GLY D 163 -5.15 -32.66 1.76
CA GLY D 163 -3.83 -32.08 1.92
C GLY D 163 -3.29 -31.93 3.34
N PHE D 164 -4.11 -32.27 4.38
CA PHE D 164 -3.74 -32.14 5.79
C PHE D 164 -2.26 -32.49 6.15
N CYS D 165 -1.62 -31.56 6.91
CA CYS D 165 -0.25 -31.64 7.44
C CYS D 165 -0.06 -32.82 8.41
N PRO D 170 7.40 -26.35 10.64
CA PRO D 170 7.04 -25.17 11.43
C PRO D 170 7.93 -23.96 11.11
N GLU D 171 9.26 -24.15 11.25
CA GLU D 171 10.32 -23.19 10.91
C GLU D 171 10.74 -23.47 9.44
N GLN D 172 10.27 -24.61 8.89
CA GLN D 172 10.47 -25.08 7.52
C GLN D 172 9.21 -24.73 6.73
N SER D 173 8.01 -24.83 7.38
CA SER D 173 6.75 -24.44 6.76
C SER D 173 6.77 -22.95 6.39
N LYS D 174 7.50 -22.10 7.18
CA LYS D 174 7.64 -20.66 6.92
C LYS D 174 8.37 -20.43 5.61
N ARG D 175 9.39 -21.25 5.32
CA ARG D 175 10.23 -21.13 4.12
C ARG D 175 9.64 -21.81 2.88
N SER D 176 8.45 -22.40 3.03
CA SER D 176 7.79 -23.11 1.94
C SER D 176 7.01 -22.16 1.05
N THR D 177 6.94 -22.52 -0.23
CA THR D 177 6.18 -21.80 -1.25
C THR D 177 4.73 -21.63 -0.78
N MET D 178 4.17 -20.44 -1.02
CA MET D 178 2.81 -20.02 -0.70
C MET D 178 1.79 -21.02 -1.25
N VAL D 179 0.78 -21.34 -0.45
CA VAL D 179 -0.37 -22.14 -0.81
C VAL D 179 -1.55 -21.21 -0.46
N GLY D 180 -2.54 -21.13 -1.35
CA GLY D 180 -3.73 -20.31 -1.16
C GLY D 180 -4.40 -20.52 0.19
N THR D 181 -4.41 -19.47 1.04
CA THR D 181 -4.98 -19.46 2.40
C THR D 181 -6.29 -18.65 2.41
N PRO D 182 -7.44 -19.33 2.54
CA PRO D 182 -8.73 -18.62 2.42
C PRO D 182 -9.03 -17.51 3.43
N TYR D 183 -8.27 -17.46 4.56
CA TYR D 183 -8.50 -16.49 5.63
C TYR D 183 -7.41 -15.45 5.72
N TRP D 184 -6.61 -15.29 4.65
CA TRP D 184 -5.47 -14.36 4.67
C TRP D 184 -5.90 -12.88 4.82
N MET D 185 -7.21 -12.58 4.65
CA MET D 185 -7.75 -11.22 4.82
C MET D 185 -8.49 -11.11 6.15
N ALA D 186 -8.47 -12.19 6.97
CA ALA D 186 -9.10 -12.18 8.29
C ALA D 186 -8.30 -11.31 9.21
N PRO D 187 -8.97 -10.55 10.10
CA PRO D 187 -8.24 -9.67 11.02
C PRO D 187 -7.17 -10.40 11.85
N GLU D 188 -7.46 -11.65 12.29
CA GLU D 188 -6.55 -12.44 13.13
C GLU D 188 -5.15 -12.62 12.53
N VAL D 189 -5.01 -12.46 11.20
CA VAL D 189 -3.73 -12.56 10.48
C VAL D 189 -2.78 -11.45 10.97
N VAL D 190 -3.33 -10.24 11.16
CA VAL D 190 -2.62 -9.03 11.59
C VAL D 190 -2.74 -8.78 13.09
N THR D 191 -3.88 -9.08 13.70
CA THR D 191 -4.10 -8.75 15.11
C THR D 191 -3.75 -9.83 16.12
N ARG D 192 -3.99 -11.12 15.80
CA ARG D 192 -3.82 -12.21 16.76
C ARG D 192 -2.51 -12.97 16.62
N LYS D 193 -2.13 -13.67 17.72
CA LYS D 193 -0.94 -14.52 17.79
C LYS D 193 -1.27 -15.96 17.34
N ALA D 194 -2.59 -16.32 17.34
CA ALA D 194 -3.06 -17.66 16.99
C ALA D 194 -4.41 -17.69 16.31
N TYR D 195 -4.61 -18.68 15.42
CA TYR D 195 -5.86 -18.92 14.71
C TYR D 195 -6.73 -19.94 15.45
N GLY D 196 -8.05 -19.78 15.34
CA GLY D 196 -9.00 -20.69 15.95
C GLY D 196 -10.12 -21.12 15.03
N PRO D 197 -11.19 -21.71 15.59
CA PRO D 197 -12.33 -22.12 14.74
C PRO D 197 -12.93 -21.01 13.90
N LYS D 198 -12.88 -19.74 14.39
CA LYS D 198 -13.48 -18.60 13.69
C LYS D 198 -12.81 -18.29 12.33
N VAL D 199 -11.59 -18.81 12.07
CA VAL D 199 -10.95 -18.63 10.76
C VAL D 199 -11.70 -19.44 9.70
N ASP D 200 -12.33 -20.56 10.12
CA ASP D 200 -13.13 -21.40 9.23
C ASP D 200 -14.45 -20.72 8.88
N ILE D 201 -14.99 -19.93 9.81
CA ILE D 201 -16.23 -19.16 9.61
C ILE D 201 -15.96 -18.02 8.62
N TRP D 202 -14.84 -17.32 8.82
CA TRP D 202 -14.38 -16.26 7.93
C TRP D 202 -14.26 -16.85 6.51
N SER D 203 -13.49 -17.96 6.35
CA SER D 203 -13.25 -18.66 5.08
C SER D 203 -14.54 -19.09 4.41
N LEU D 204 -15.54 -19.52 5.20
CA LEU D 204 -16.84 -19.86 4.64
C LEU D 204 -17.54 -18.61 4.04
N GLY D 205 -17.40 -17.47 4.72
CA GLY D 205 -17.91 -16.19 4.23
C GLY D 205 -17.29 -15.83 2.89
N ILE D 206 -15.97 -16.07 2.74
CA ILE D 206 -15.23 -15.82 1.50
C ILE D 206 -15.73 -16.75 0.42
N MET D 207 -15.99 -18.04 0.76
CA MET D 207 -16.47 -19.05 -0.16
C MET D 207 -17.87 -18.68 -0.65
N ALA D 208 -18.71 -18.12 0.26
CA ALA D 208 -20.05 -17.63 -0.08
C ALA D 208 -19.93 -16.48 -1.11
N ILE D 209 -18.91 -15.60 -0.96
CA ILE D 209 -18.66 -14.52 -1.92
C ILE D 209 -18.25 -15.09 -3.27
N GLU D 210 -17.40 -16.14 -3.28
CA GLU D 210 -16.98 -16.80 -4.51
C GLU D 210 -18.15 -17.43 -5.25
N MET D 211 -19.22 -17.85 -4.53
CA MET D 211 -20.43 -18.44 -5.14
C MET D 211 -21.35 -17.37 -5.76
N ILE D 212 -21.20 -16.08 -5.37
CA ILE D 212 -22.09 -15.01 -5.85
C ILE D 212 -21.85 -14.71 -7.36
N GLU D 213 -22.90 -14.76 -8.21
CA GLU D 213 -22.72 -14.45 -9.63
C GLU D 213 -22.34 -12.97 -9.82
N GLY D 214 -21.28 -12.73 -10.60
CA GLY D 214 -20.81 -11.38 -10.90
C GLY D 214 -19.86 -10.74 -9.89
N GLU D 215 -19.67 -11.35 -8.72
CA GLU D 215 -18.77 -10.78 -7.71
C GLU D 215 -17.35 -11.16 -8.05
N PRO D 216 -16.39 -10.23 -8.02
CA PRO D 216 -15.00 -10.61 -8.29
C PRO D 216 -14.39 -11.32 -7.08
N PRO D 217 -13.16 -11.90 -7.16
CA PRO D 217 -12.53 -12.41 -5.93
C PRO D 217 -12.55 -11.27 -4.91
N TYR D 218 -12.86 -11.60 -3.65
CA TYR D 218 -13.01 -10.63 -2.56
C TYR D 218 -11.89 -9.54 -2.50
N LEU D 219 -12.30 -8.23 -2.56
CA LEU D 219 -11.44 -7.04 -2.49
C LEU D 219 -10.37 -7.02 -3.57
N ASN D 220 -10.68 -7.67 -4.71
CA ASN D 220 -9.79 -7.83 -5.88
C ASN D 220 -8.40 -8.34 -5.47
N GLU D 221 -8.37 -9.18 -4.41
CA GLU D 221 -7.20 -9.86 -3.83
C GLU D 221 -6.13 -8.90 -3.33
N ASN D 222 -6.54 -7.68 -3.00
CA ASN D 222 -5.65 -6.61 -2.51
C ASN D 222 -5.61 -6.66 -0.97
N PRO D 223 -4.49 -7.10 -0.35
CA PRO D 223 -4.44 -7.10 1.13
C PRO D 223 -4.44 -5.69 1.73
N LEU D 224 -4.09 -4.63 0.94
CA LEU D 224 -4.15 -3.24 1.43
C LEU D 224 -5.59 -2.80 1.68
N ARG D 225 -6.55 -3.33 0.88
CA ARG D 225 -7.99 -3.05 1.05
C ARG D 225 -8.50 -3.81 2.24
N ALA D 226 -8.06 -5.06 2.40
CA ALA D 226 -8.39 -5.91 3.54
C ALA D 226 -7.88 -5.26 4.85
N LEU D 227 -6.63 -4.71 4.83
CA LEU D 227 -6.01 -3.97 5.95
C LEU D 227 -6.82 -2.71 6.33
N TYR D 228 -7.29 -1.94 5.35
CA TYR D 228 -8.14 -0.78 5.62
C TYR D 228 -9.42 -1.24 6.40
N LEU D 229 -10.05 -2.37 5.99
CA LEU D 229 -11.26 -2.89 6.63
C LEU D 229 -10.98 -3.40 8.06
N ILE D 230 -9.80 -4.01 8.29
CA ILE D 230 -9.38 -4.44 9.63
C ILE D 230 -9.20 -3.23 10.52
N ALA D 231 -8.48 -2.20 10.03
CA ALA D 231 -8.23 -0.97 10.80
C ALA D 231 -9.52 -0.21 11.16
N THR D 232 -10.53 -0.24 10.25
CA THR D 232 -11.78 0.49 10.45
C THR D 232 -12.86 -0.36 11.07
N ASN D 233 -12.57 -1.65 11.33
CA ASN D 233 -13.53 -2.63 11.85
C ASN D 233 -14.71 -2.74 10.90
N GLY D 234 -14.43 -2.77 9.60
CA GLY D 234 -15.42 -2.73 8.54
C GLY D 234 -16.18 -4.01 8.26
N THR D 235 -17.40 -3.84 7.72
CA THR D 235 -18.29 -4.92 7.29
C THR D 235 -17.81 -5.29 5.88
N PRO D 236 -18.03 -6.52 5.37
CA PRO D 236 -17.48 -6.87 4.05
C PRO D 236 -17.87 -5.93 2.90
N GLU D 237 -16.91 -5.64 1.99
CA GLU D 237 -17.15 -4.77 0.84
C GLU D 237 -17.22 -5.58 -0.45
N LEU D 238 -18.44 -5.79 -0.93
CA LEU D 238 -18.73 -6.51 -2.18
C LEU D 238 -18.82 -5.49 -3.34
N GLN D 239 -18.70 -5.97 -4.59
CA GLN D 239 -18.80 -5.07 -5.74
C GLN D 239 -20.25 -4.61 -5.94
N ASN D 240 -21.23 -5.55 -5.87
CA ASN D 240 -22.66 -5.22 -6.08
C ASN D 240 -23.55 -5.75 -4.93
N PRO D 241 -23.36 -5.24 -3.68
CA PRO D 241 -24.18 -5.75 -2.57
C PRO D 241 -25.69 -5.50 -2.70
N GLU D 242 -26.07 -4.39 -3.40
CA GLU D 242 -27.46 -3.98 -3.61
C GLU D 242 -28.28 -5.03 -4.37
N LYS D 243 -27.61 -5.96 -5.10
CA LYS D 243 -28.25 -7.04 -5.86
C LYS D 243 -28.65 -8.22 -4.93
N LEU D 244 -28.19 -8.19 -3.67
CA LEU D 244 -28.43 -9.24 -2.68
C LEU D 244 -29.51 -8.87 -1.69
N SER D 245 -30.17 -9.87 -1.11
CA SER D 245 -31.22 -9.66 -0.10
C SER D 245 -30.54 -9.18 1.20
N ALA D 246 -31.29 -8.49 2.08
CA ALA D 246 -30.78 -8.02 3.37
C ALA D 246 -30.36 -9.21 4.24
N ILE D 247 -31.07 -10.35 4.16
CA ILE D 247 -30.79 -11.59 4.90
C ILE D 247 -29.45 -12.20 4.51
N PHE D 248 -29.13 -12.22 3.21
CA PHE D 248 -27.86 -12.75 2.71
C PHE D 248 -26.74 -11.83 3.14
N ARG D 249 -26.95 -10.51 3.00
CA ARG D 249 -25.95 -9.52 3.40
C ARG D 249 -25.65 -9.60 4.89
N ASP D 250 -26.68 -9.82 5.71
CA ASP D 250 -26.53 -9.98 7.15
C ASP D 250 -25.70 -11.25 7.47
N PHE D 251 -25.97 -12.38 6.78
CA PHE D 251 -25.24 -13.64 6.94
C PHE D 251 -23.76 -13.42 6.62
N LEU D 252 -23.45 -12.71 5.51
CA LEU D 252 -22.08 -12.39 5.12
C LEU D 252 -21.38 -11.52 6.14
N ASN D 253 -22.07 -10.48 6.67
CA ASN D 253 -21.51 -9.63 7.73
C ASN D 253 -21.15 -10.42 8.96
N ARG D 254 -21.96 -11.43 9.31
CA ARG D 254 -21.73 -12.27 10.49
C ARG D 254 -20.55 -13.22 10.33
N CYS D 255 -20.35 -13.73 9.09
CA CYS D 255 -19.23 -14.61 8.76
C CYS D 255 -17.94 -13.82 8.74
N LEU D 256 -18.01 -12.57 8.24
CA LEU D 256 -16.84 -11.73 8.02
C LEU D 256 -16.69 -10.60 9.06
N GLU D 257 -17.21 -10.88 10.25
CA GLU D 257 -17.20 -10.03 11.42
C GLU D 257 -15.75 -9.85 11.91
N MET D 258 -15.29 -8.58 11.98
CA MET D 258 -13.93 -8.17 12.36
C MET D 258 -13.55 -8.54 13.79
N ASP D 259 -14.49 -8.51 14.72
CA ASP D 259 -14.22 -8.91 16.09
C ASP D 259 -14.34 -10.43 16.12
N VAL D 260 -13.21 -11.12 16.36
CA VAL D 260 -13.12 -12.60 16.40
C VAL D 260 -14.15 -13.23 17.36
N GLU D 261 -14.27 -12.64 18.55
CA GLU D 261 -15.19 -13.09 19.59
C GLU D 261 -16.65 -12.97 19.16
N LYS D 262 -17.03 -11.83 18.55
CA LYS D 262 -18.38 -11.58 18.06
C LYS D 262 -18.71 -12.40 16.81
N ARG D 263 -17.69 -12.80 16.02
CA ARG D 263 -17.91 -13.60 14.80
C ARG D 263 -18.65 -14.86 15.19
N GLY D 264 -19.69 -15.19 14.44
CA GLY D 264 -20.52 -16.35 14.71
C GLY D 264 -19.78 -17.66 14.64
N SER D 265 -20.17 -18.58 15.52
CA SER D 265 -19.67 -19.93 15.49
C SER D 265 -20.56 -20.65 14.43
N ALA D 266 -20.16 -21.84 14.02
CA ALA D 266 -20.92 -22.64 13.06
C ALA D 266 -22.31 -22.97 13.58
N LYS D 267 -22.44 -23.28 14.89
CA LYS D 267 -23.69 -23.56 15.59
C LYS D 267 -24.63 -22.36 15.48
N GLU D 268 -24.13 -21.16 15.83
CA GLU D 268 -24.92 -19.91 15.81
C GLU D 268 -25.39 -19.57 14.40
N LEU D 269 -24.47 -19.69 13.41
CA LEU D 269 -24.73 -19.39 12.01
C LEU D 269 -25.72 -20.35 11.36
N LEU D 270 -25.82 -21.61 11.85
CA LEU D 270 -26.78 -22.58 11.34
C LEU D 270 -28.22 -22.18 11.66
N GLN D 271 -28.39 -21.21 12.59
CA GLN D 271 -29.67 -20.69 13.02
C GLN D 271 -30.09 -19.44 12.23
N HIS D 272 -29.22 -18.97 11.34
CA HIS D 272 -29.48 -17.76 10.56
C HIS D 272 -30.63 -17.94 9.56
N GLN D 273 -31.46 -16.89 9.39
CA GLN D 273 -32.60 -16.91 8.46
C GLN D 273 -32.18 -17.24 7.01
N PHE D 274 -30.97 -16.84 6.60
CA PHE D 274 -30.49 -17.11 5.25
C PHE D 274 -30.49 -18.62 4.95
N LEU D 275 -30.12 -19.41 5.98
CA LEU D 275 -30.04 -20.85 5.91
C LEU D 275 -31.35 -21.53 6.13
N LYS D 276 -32.24 -20.95 6.97
CA LYS D 276 -33.55 -21.50 7.23
C LYS D 276 -34.38 -21.60 5.93
N ILE D 277 -34.18 -20.64 4.99
CA ILE D 277 -34.92 -20.61 3.72
C ILE D 277 -34.10 -21.21 2.54
N ALA D 278 -32.94 -21.86 2.83
CA ALA D 278 -32.12 -22.52 1.81
C ALA D 278 -32.98 -23.46 0.98
N LYS D 279 -32.69 -23.57 -0.32
CA LYS D 279 -33.43 -24.46 -1.20
C LYS D 279 -33.01 -25.92 -0.94
N PRO D 280 -33.83 -26.94 -1.30
CA PRO D 280 -33.39 -28.33 -1.07
C PRO D 280 -32.14 -28.63 -1.88
N LEU D 281 -31.38 -29.66 -1.46
CA LEU D 281 -30.13 -30.07 -2.14
C LEU D 281 -30.35 -30.51 -3.59
N SER D 282 -31.57 -30.98 -3.90
CA SER D 282 -31.97 -31.36 -5.26
C SER D 282 -31.85 -30.19 -6.25
N SER D 283 -31.97 -28.94 -5.76
CA SER D 283 -31.84 -27.75 -6.61
C SER D 283 -30.42 -27.59 -7.19
N LEU D 284 -29.43 -28.29 -6.60
CA LEU D 284 -28.04 -28.25 -7.04
C LEU D 284 -27.75 -29.24 -8.18
N THR D 285 -28.55 -30.32 -8.29
CA THR D 285 -28.38 -31.38 -9.28
C THR D 285 -28.22 -30.84 -10.73
N PRO D 286 -29.03 -29.88 -11.26
CA PRO D 286 -28.76 -29.41 -12.63
C PRO D 286 -27.40 -28.72 -12.75
N LEU D 287 -26.97 -27.98 -11.71
CA LEU D 287 -25.67 -27.30 -11.70
C LEU D 287 -24.53 -28.32 -11.68
N ILE D 288 -24.64 -29.33 -10.80
CA ILE D 288 -23.66 -30.41 -10.67
C ILE D 288 -23.49 -31.14 -12.01
N ALA D 289 -24.63 -31.48 -12.69
CA ALA D 289 -24.71 -32.16 -13.99
C ALA D 289 -24.09 -31.32 -15.10
N ALA D 290 -24.48 -30.03 -15.18
CA ALA D 290 -23.94 -29.10 -16.18
C ALA D 290 -22.43 -28.87 -15.97
N ALA D 291 -21.98 -28.74 -14.70
CA ALA D 291 -20.54 -28.58 -14.42
C ALA D 291 -19.72 -29.83 -14.78
N LYS D 292 -20.29 -31.04 -14.59
CA LYS D 292 -19.64 -32.33 -14.91
C LYS D 292 -19.44 -32.45 -16.39
N GLU D 293 -20.51 -32.14 -17.17
CA GLU D 293 -20.56 -32.14 -18.62
C GLU D 293 -19.51 -31.18 -19.19
N ALA D 294 -19.45 -29.94 -18.64
CA ALA D 294 -18.52 -28.88 -19.05
C ALA D 294 -17.06 -29.19 -18.68
N THR D 295 -16.82 -29.89 -17.54
CA THR D 295 -15.46 -30.23 -17.11
C THR D 295 -14.96 -31.57 -17.70
C1 4OR E . 15.47 -26.48 -16.29
C2 4OR E . 14.94 -24.44 -14.94
C3 4OR E . 16.06 -24.60 -14.11
C11 4OR E . 8.42 -24.14 -17.78
C12 4OR E . 9.69 -24.22 -15.72
C13 4OR E . 8.67 -26.32 -16.59
C14 4OR E . 7.44 -28.34 -17.69
C15 4OR E . 8.69 -29.20 -17.81
C16 4OR E . 6.57 -28.52 -18.93
C17 4OR E . 6.65 -28.74 -16.47
C18 4OR E . 13.79 -23.40 -17.56
C19 4OR E . 13.87 -22.50 -18.63
C20 4OR E . 14.97 -22.54 -19.48
C21 4OR E . 15.98 -23.45 -19.31
C22 4OR E . 15.91 -24.35 -18.26
C23 4OR E . 14.83 -24.33 -17.36
CL 4OR E . 15.07 -21.37 -20.78
N 4OR E . 14.86 -25.15 -16.19
C 4OR E . 14.76 -27.54 -15.48
C8 4OR E . 12.66 -23.31 -16.61
N1 4OR E . 12.75 -23.36 -15.29
C7 4OR E . 13.96 -23.50 -14.60
C6 4OR E . 14.14 -22.68 -13.47
C5 4OR E . 15.26 -22.86 -12.71
F 4OR E . 15.42 -22.08 -11.60
C4 4OR E . 16.23 -23.80 -13.00
N2 4OR E . 11.43 -23.17 -17.20
C9 4OR E . 10.14 -23.00 -16.53
N3 4OR E . 8.90 -24.98 -16.69
C10 4OR E . 9.01 -22.76 -17.48
O 4OR E . 9.18 -27.00 -15.70
N4 4OR E . 7.82 -26.91 -17.57
C1 4OR F . 2.52 30.71 -16.39
C2 4OR F . 1.92 28.41 -15.60
C3 4OR F . 0.63 28.47 -16.13
C11 4OR F . 7.84 27.94 -11.62
C12 4OR F . 5.41 27.66 -11.69
C13 4OR F . 6.33 29.75 -10.74
C14 4OR F . 7.60 31.91 -9.89
C15 4OR F . 6.80 32.89 -10.71
C16 4OR F . 7.06 31.85 -8.45
C17 4OR F . 9.06 32.32 -9.86
C18 4OR F . 4.84 27.78 -16.19
C19 4OR F . 5.79 27.11 -16.99
C20 4OR F . 5.86 27.40 -18.34
C21 4OR F . 5.06 28.37 -18.92
C22 4OR F . 4.13 29.03 -18.13
C23 4OR F . 4.00 28.74 -16.78
CL 4OR F . 6.94 26.47 -19.34
N 4OR F . 2.93 29.34 -16.03
C 4OR F . 2.07 31.53 -15.21
C8 4OR F . 4.69 27.39 -14.77
N1 4OR F . 3.53 27.22 -14.12
C7 4OR F . 2.27 27.35 -14.73
C6 4OR F . 1.33 26.36 -14.45
C5 4OR F . 0.08 26.45 -15.03
F 4OR F . -0.83 25.46 -14.78
C4 4OR F . -0.29 27.48 -15.85
N2 4OR F . 5.86 27.18 -14.11
C9 4OR F . 6.04 26.72 -12.73
N3 4OR F . 6.52 28.53 -11.31
C10 4OR F . 7.50 26.62 -12.32
O 4OR F . 5.22 30.16 -10.48
N4 4OR F . 7.49 30.55 -10.49
C1 4OR G . -4.41 33.73 22.20
C2 4OR G . -4.02 31.34 21.52
C3 4OR G . -2.63 31.49 21.57
C11 4OR G . -10.33 31.07 19.08
C12 4OR G . -8.01 30.59 18.55
C13 4OR G . -9.13 32.62 17.55
C14 4OR G . -10.67 34.58 16.69
C15 4OR G . -12.16 34.83 16.77
C16 4OR G . -10.24 34.45 15.24
C17 4OR G . -9.91 35.72 17.36
C18 4OR G . -6.72 30.87 22.88
C19 4OR G . -7.48 30.36 23.95
C20 4OR G . -7.24 30.81 25.22
C21 4OR G . -6.31 31.80 25.48
C22 4OR G . -5.56 32.32 24.43
C23 4OR G . -5.74 31.86 23.14
CL 4OR G . -8.08 30.07 26.55
N 4OR G . -4.89 32.33 22.10
C 4OR G . -4.07 34.39 20.85
C8 4OR G . -6.88 30.31 21.52
N1 4OR G . -5.93 29.96 20.71
C7 4OR G . -4.56 30.15 21.01
C6 4OR G . -3.70 29.10 20.63
C5 4OR G . -2.36 29.31 20.71
F 4OR G . -1.53 28.31 20.31
C4 4OR G . -1.79 30.48 21.15
N2 4OR G . -8.16 30.22 21.06
C9 4OR G . -8.51 29.69 19.75
N3 4OR G . -9.13 31.50 18.32
C10 4OR G . -10.00 29.65 19.51
O 4OR G . -8.12 33.01 16.97
N4 4OR G . -10.36 33.33 17.43
MG MG H . 13.86 14.09 11.59
C1 4OR I . -11.87 -37.77 8.03
C2 4OR I . -11.87 -35.27 7.93
C3 4OR I . -12.81 -35.26 6.90
C11 4OR I . -5.94 -35.44 11.33
C12 4OR I . -7.04 -34.34 9.46
C13 4OR I . -5.65 -36.37 9.02
C14 4OR I . -4.20 -38.56 8.88
C15 4OR I . -3.50 -39.44 9.91
C16 4OR I . -3.18 -37.98 7.91
C17 4OR I . -5.23 -39.38 8.13
C18 4OR I . -11.21 -35.50 10.91
C19 4OR I . -11.65 -35.31 12.23
C20 4OR I . -12.78 -35.97 12.66
C21 4OR I . -13.48 -36.83 11.85
C22 4OR I . -13.03 -37.04 10.55
C23 4OR I . -11.93 -36.36 10.06
CL 4OR I . -13.39 -35.66 14.26
N 4OR I . -11.62 -36.47 8.67
C 4OR I . -10.96 -38.06 6.88
C8 4OR I . -10.11 -34.67 10.34
N1 4OR I . -10.13 -34.02 9.19
C7 4OR I . -11.19 -34.08 8.27
C6 4OR I . -11.50 -32.89 7.59
C5 4OR I . -12.43 -32.95 6.58
F 4OR I . -12.72 -31.79 5.93
C4 4OR I . -13.08 -34.09 6.19
N2 4OR I . -8.96 -34.64 11.10
C9 4OR I . -7.73 -33.90 10.80
N3 4OR I . -6.17 -35.44 9.88
C10 4OR I . -6.63 -34.16 11.82
O 4OR I . -5.89 -36.32 7.82
N4 4OR I . -4.86 -37.43 9.59
MG MG J . -16.46 -14.46 -8.17
#